data_3L4W
#
_entry.id   3L4W
#
_cell.length_a   93.707
_cell.length_b   107.854
_cell.length_c   111.758
_cell.angle_alpha   90.000
_cell.angle_beta   90.000
_cell.angle_gamma   90.000
#
_symmetry.space_group_name_H-M   'P 21 21 21'
#
loop_
_entity.id
_entity.type
_entity.pdbx_description
1 polymer 'Maltase-glucoamylase, intestinal'
2 branched 2-acetamido-2-deoxy-beta-D-glucopyranose-(1-4)-2-acetamido-2-deoxy-beta-D-glucopyranose
3 non-polymer (2R,3R,4R,5S)-1-(2-hydroxyethyl)-2-(hydroxymethyl)piperidine-3,4,5-triol
4 non-polymer 2-acetamido-2-deoxy-beta-D-glucopyranose
5 non-polymer GLYCEROL
6 water water
#
_entity_poly.entity_id   1
_entity_poly.type   'polypeptide(L)'
_entity_poly.pdbx_seq_one_letter_code
;SAECPVVNELERINCIPDQPPTKATCDQRGCCWNPQGAVSVPWCYYSKNHSYHVEGNLVNTNAGFTARLKNLPSSPVFGS
NVDNVLLTAEYQTSNRFHFKLTDQTNNRFEVPHEHVQSFSGNAAASLTYQVEISRQPFSIKVTRRSNNRVLFDSSIGPLL
FADQFLQLSTRLPSTNVYGLGEHVHQQYRHDMNWKTWPIFNRDTTPNGNGTNLYGAQTFFLCLEDASGLSFGVFLMNSNA
MEVVLQPAPAITYRTIGGILDFYVFLGNTPEQVVQEYLELIGRPALPSYWALGFHLSRYEYGTLDNMREVVERNRAAQLP
YDVQHADIDYMDERRDFTYDSVDFKGFPEFVNELHNNGQKLVIIVDPAISNNSSSSKPYGPYDRGSDMKIWVNSSDGVTP
LIGEVWPGQTVFPDYTNPNCAVWWTKEFELFHNQVEFDGIWIDMNEVSNFVDGSVSGCSTNNLNNPPFTPRILDGYLFCK
TLCMDAVQHWGKQYDIHNLYGYSMAVATAEAAKTVFPNKRSFILTRSTFAGSGKFAAHWLGDNTATWDDLRWSIPGVLEF
NLFGIPMVGPDICGFALDTPEELCRRWMQLGAFYPFSRNHNGQGYKDQDPASFGADSLLLNSSRHYLNIRYTLLPYLYTL
FFRAHSRGDTVARPLLHEFYEDNSTWDVHQQFLWGPGLLITPVLDEGAEKVMAYVPDAVWYDYETGSQVRWRKQKVEMEL
PGDKIGLHLRGGYIFPTQQPNTTTLASRKNPLGLIIALDENKEAKGELFWDDGETKDTVANKVYLLCEFSVTQNRLEVNI
SQSTYKDPNNLAFNEIKILGTEEPSNVTVKHNGVPSQTSPTVTYDSNLKVAIITDIDLLLGEAYTVEWAHHHHHH
;
_entity_poly.pdbx_strand_id   A
#
loop_
_chem_comp.id
_chem_comp.type
_chem_comp.name
_chem_comp.formula
GOL non-polymer GLYCEROL 'C3 H8 O3'
MIG non-polymer (2R,3R,4R,5S)-1-(2-hydroxyethyl)-2-(hydroxymethyl)piperidine-3,4,5-triol 'C8 H17 N O5'
NAG D-saccharide, beta linking 2-acetamido-2-deoxy-beta-D-glucopyranose 'C8 H15 N O6'
#
# COMPACT_ATOMS: atom_id res chain seq x y z
N VAL A 7 38.04 5.45 13.71
CA VAL A 7 36.71 5.22 13.04
C VAL A 7 35.57 5.52 14.01
N ASN A 8 34.53 6.17 13.50
CA ASN A 8 33.32 6.39 14.27
C ASN A 8 32.58 5.06 14.32
N GLU A 9 32.19 4.66 15.52
CA GLU A 9 31.53 3.35 15.67
C GLU A 9 30.14 3.27 14.99
N LEU A 10 29.48 4.41 14.82
CA LEU A 10 28.16 4.45 14.17
C LEU A 10 28.25 4.18 12.66
N GLU A 11 29.47 4.18 12.12
CA GLU A 11 29.71 3.99 10.69
C GLU A 11 30.33 2.66 10.36
N ARG A 12 30.55 1.83 11.37
CA ARG A 12 31.07 0.48 11.13
C ARG A 12 30.04 -0.35 10.37
N ILE A 13 30.49 -0.95 9.29
CA ILE A 13 29.65 -1.82 8.50
C ILE A 13 29.98 -3.26 8.90
N ASN A 14 28.99 -3.94 9.46
CA ASN A 14 29.14 -5.32 9.93
C ASN A 14 29.66 -6.31 8.88
N CYS A 15 30.78 -6.93 9.21
CA CYS A 15 31.49 -7.92 8.35
C CYS A 15 31.17 -9.39 8.74
N ILE A 16 30.49 -9.59 9.86
CA ILE A 16 30.00 -10.92 10.26
C ILE A 16 28.47 -10.84 10.50
N PRO A 17 27.68 -10.76 9.40
CA PRO A 17 26.22 -10.70 9.46
C PRO A 17 25.63 -12.09 9.72
N ASP A 18 26.46 -13.13 9.57
CA ASP A 18 26.01 -14.52 9.53
C ASP A 18 26.12 -15.34 10.82
N GLN A 19 26.77 -14.81 11.86
CA GLN A 19 27.06 -15.61 13.07
C GLN A 19 27.52 -14.68 14.19
N PRO A 20 27.58 -15.18 15.44
CA PRO A 20 28.21 -14.32 16.48
C PRO A 20 29.68 -13.99 16.14
N PRO A 21 30.08 -12.72 16.36
CA PRO A 21 31.42 -12.28 15.91
C PRO A 21 32.58 -12.86 16.72
N THR A 22 33.62 -13.29 16.04
CA THR A 22 34.86 -13.75 16.67
C THR A 22 36.07 -13.30 15.87
N LYS A 23 37.20 -13.09 16.58
CA LYS A 23 38.45 -12.65 15.96
C LYS A 23 38.95 -13.60 14.89
N ALA A 24 38.90 -14.90 15.16
CA ALA A 24 39.34 -15.88 14.19
C ALA A 24 38.66 -15.67 12.82
N THR A 25 37.32 -15.61 12.82
CA THR A 25 36.55 -15.31 11.59
C THR A 25 36.91 -13.93 10.99
N CYS A 26 36.97 -12.93 11.85
CA CYS A 26 37.32 -11.58 11.47
C CYS A 26 38.66 -11.52 10.72
N ASP A 27 39.71 -12.10 11.33
CA ASP A 27 41.05 -12.18 10.74
C ASP A 27 41.06 -12.91 9.40
N GLN A 28 40.25 -13.94 9.31
CA GLN A 28 40.10 -14.76 8.12
C GLN A 28 39.39 -14.02 6.96
N ARG A 29 38.55 -13.04 7.31
CA ARG A 29 37.83 -12.26 6.30
C ARG A 29 38.55 -10.94 5.96
N GLY A 30 39.66 -10.68 6.65
CA GLY A 30 40.45 -9.47 6.41
C GLY A 30 39.80 -8.20 6.93
N CYS A 31 38.91 -8.33 7.92
CA CYS A 31 38.17 -7.20 8.48
C CYS A 31 38.81 -6.69 9.75
N CYS A 32 38.22 -5.67 10.37
CA CYS A 32 38.81 -5.06 11.55
C CYS A 32 38.10 -5.54 12.79
N TRP A 33 38.83 -5.59 13.91
CA TRP A 33 38.33 -6.15 15.16
C TRP A 33 38.45 -5.16 16.30
N ASN A 34 37.33 -4.94 17.00
CA ASN A 34 37.23 -3.94 18.04
C ASN A 34 35.96 -4.20 18.84
N PRO A 35 36.02 -5.08 19.85
CA PRO A 35 34.84 -5.46 20.60
C PRO A 35 34.48 -4.48 21.70
N GLN A 36 35.03 -3.27 21.64
CA GLN A 36 34.88 -2.33 22.76
C GLN A 36 33.60 -1.47 22.66
N GLY A 37 32.94 -1.51 21.51
CA GLY A 37 31.79 -0.66 21.23
C GLY A 37 30.57 -0.91 22.09
N ALA A 38 29.64 0.06 22.04
CA ALA A 38 28.31 -0.03 22.68
C ALA A 38 27.41 -1.15 22.10
N VAL A 39 26.26 -1.39 22.72
CA VAL A 39 25.36 -2.47 22.24
C VAL A 39 25.03 -2.38 20.75
N SER A 40 25.14 -3.52 20.06
CA SER A 40 24.80 -3.69 18.63
C SER A 40 25.85 -3.11 17.66
N VAL A 41 26.77 -2.27 18.16
CA VAL A 41 27.89 -1.78 17.34
C VAL A 41 28.70 -3.00 16.94
N PRO A 42 28.98 -3.16 15.63
CA PRO A 42 29.59 -4.39 15.11
C PRO A 42 31.04 -4.56 15.60
N TRP A 43 31.33 -5.73 16.20
CA TRP A 43 32.68 -6.06 16.67
C TRP A 43 33.63 -6.29 15.53
N CYS A 44 33.12 -6.83 14.43
CA CYS A 44 33.91 -7.07 13.24
C CYS A 44 33.29 -6.29 12.08
N TYR A 45 34.09 -5.42 11.46
CA TYR A 45 33.59 -4.49 10.44
C TYR A 45 34.57 -4.36 9.28
N TYR A 46 34.09 -3.97 8.09
CA TYR A 46 34.95 -3.97 6.92
C TYR A 46 36.03 -2.92 7.01
N SER A 47 37.21 -3.26 6.48
CA SER A 47 38.34 -2.33 6.42
C SER A 47 38.14 -1.34 5.29
N LYS A 48 38.83 -0.20 5.37
CA LYS A 48 38.69 0.90 4.41
C LYS A 48 38.94 0.52 2.96
N ASN A 49 39.89 -0.40 2.72
CA ASN A 49 40.18 -0.85 1.36
C ASN A 49 40.11 -2.36 1.26
N HIS A 50 39.00 -2.84 0.71
CA HIS A 50 38.56 -4.22 0.81
C HIS A 50 38.10 -4.66 -0.58
N SER A 51 37.29 -3.80 -1.18
CA SER A 51 36.39 -4.20 -2.24
C SER A 51 36.89 -3.81 -3.63
N TYR A 52 35.96 -3.36 -4.46
CA TYR A 52 36.21 -3.14 -5.85
C TYR A 52 36.96 -1.83 -6.10
N HIS A 53 37.55 -1.74 -7.28
CA HIS A 53 38.10 -0.49 -7.74
C HIS A 53 37.70 -0.34 -9.19
N VAL A 54 37.64 0.91 -9.66
CA VAL A 54 37.41 1.15 -11.07
C VAL A 54 38.70 0.81 -11.82
N GLU A 55 38.54 0.09 -12.92
CA GLU A 55 39.64 -0.24 -13.80
C GLU A 55 39.54 0.68 -15.03
N GLY A 56 40.56 1.51 -15.23
CA GLY A 56 40.59 2.32 -16.43
C GLY A 56 39.62 3.48 -16.29
N ASN A 57 39.07 3.93 -17.40
CA ASN A 57 38.30 5.17 -17.39
C ASN A 57 36.83 4.85 -17.48
N LEU A 58 35.99 5.79 -17.07
CA LEU A 58 34.56 5.70 -17.33
C LEU A 58 34.31 6.02 -18.80
N VAL A 59 33.27 5.43 -19.36
CA VAL A 59 32.91 5.57 -20.78
C VAL A 59 31.61 6.31 -20.85
N ASN A 60 31.57 7.48 -21.51
CA ASN A 60 30.29 8.17 -21.75
C ASN A 60 29.42 7.40 -22.71
N THR A 61 28.14 7.28 -22.37
CA THR A 61 27.22 6.62 -23.27
C THR A 61 26.12 7.63 -23.54
N ASN A 62 25.19 7.31 -24.44
CA ASN A 62 24.00 8.12 -24.70
C ASN A 62 23.12 8.36 -23.45
N ALA A 63 23.02 7.33 -22.60
CA ALA A 63 22.15 7.38 -21.40
C ALA A 63 22.85 7.98 -20.18
N GLY A 64 24.18 7.84 -20.15
CA GLY A 64 24.97 8.27 -18.99
C GLY A 64 26.41 7.83 -19.13
N PHE A 65 26.79 6.79 -18.39
CA PHE A 65 28.15 6.29 -18.45
C PHE A 65 28.21 4.83 -17.98
N THR A 66 29.28 4.13 -18.36
CA THR A 66 29.57 2.81 -17.79
C THR A 66 30.93 2.83 -17.13
N ALA A 67 31.14 1.93 -16.18
CA ALA A 67 32.46 1.72 -15.61
C ALA A 67 32.69 0.21 -15.45
N ARG A 68 33.96 -0.20 -15.59
CA ARG A 68 34.37 -1.57 -15.27
C ARG A 68 34.96 -1.58 -13.87
N LEU A 69 34.45 -2.48 -13.03
CA LEU A 69 34.88 -2.61 -11.64
C LEU A 69 35.60 -3.94 -11.46
N LYS A 70 36.68 -3.94 -10.69
CA LYS A 70 37.52 -5.12 -10.55
C LYS A 70 37.77 -5.36 -9.08
N ASN A 71 37.66 -6.63 -8.68
CA ASN A 71 37.77 -7.01 -7.29
C ASN A 71 39.21 -7.28 -6.87
N LEU A 72 39.65 -6.63 -5.80
CA LEU A 72 40.98 -6.87 -5.21
C LEU A 72 41.01 -8.25 -4.54
N PRO A 73 41.78 -9.19 -5.11
CA PRO A 73 41.50 -10.64 -4.94
C PRO A 73 41.43 -11.17 -3.49
N SER A 74 40.21 -11.29 -2.95
CA SER A 74 39.95 -12.05 -1.71
C SER A 74 39.66 -13.54 -2.05
N SER A 75 39.14 -14.30 -1.09
CA SER A 75 38.78 -15.72 -1.29
C SER A 75 37.41 -16.13 -0.69
N PRO A 76 36.69 -17.07 -1.35
CA PRO A 76 35.25 -17.35 -1.14
C PRO A 76 34.72 -17.46 0.29
N VAL A 77 33.67 -16.69 0.59
CA VAL A 77 33.00 -16.69 1.90
C VAL A 77 31.54 -17.12 1.73
N PHE A 78 30.80 -16.36 0.92
CA PHE A 78 29.41 -16.72 0.58
C PHE A 78 29.30 -17.09 -0.90
N GLY A 79 30.17 -18.02 -1.29
CA GLY A 79 30.16 -18.57 -2.64
C GLY A 79 31.09 -17.82 -3.59
N SER A 80 30.93 -18.13 -4.88
CA SER A 80 31.76 -17.55 -5.93
C SER A 80 31.66 -16.02 -6.02
N ASN A 81 32.80 -15.36 -5.83
CA ASN A 81 32.93 -13.95 -6.11
C ASN A 81 32.81 -13.63 -7.61
N VAL A 82 32.30 -12.44 -7.91
CA VAL A 82 32.23 -11.93 -9.28
C VAL A 82 33.36 -10.89 -9.38
N ASP A 83 34.43 -11.25 -10.07
CA ASP A 83 35.65 -10.44 -10.02
C ASP A 83 35.56 -9.19 -10.91
N ASN A 84 34.77 -9.28 -11.97
CA ASN A 84 34.56 -8.20 -12.92
C ASN A 84 33.10 -7.76 -13.01
N VAL A 85 32.84 -6.57 -12.47
CA VAL A 85 31.49 -6.04 -12.34
C VAL A 85 31.32 -4.84 -13.28
N LEU A 86 30.19 -4.77 -13.96
CA LEU A 86 29.85 -3.62 -14.79
C LEU A 86 28.85 -2.67 -14.10
N LEU A 87 29.22 -1.39 -14.08
CA LEU A 87 28.32 -0.36 -13.58
C LEU A 87 27.74 0.31 -14.81
N THR A 88 26.43 0.40 -14.86
CA THR A 88 25.77 1.10 -15.93
C THR A 88 24.88 2.15 -15.32
N ALA A 89 25.04 3.39 -15.77
CA ALA A 89 24.29 4.50 -15.18
C ALA A 89 23.51 5.24 -16.26
N GLU A 90 22.22 5.45 -15.99
CA GLU A 90 21.31 6.10 -16.90
C GLU A 90 20.68 7.32 -16.19
N TYR A 91 20.86 8.49 -16.79
CA TYR A 91 20.18 9.69 -16.36
C TYR A 91 18.80 9.71 -16.99
N GLN A 92 17.89 8.91 -16.42
CA GLN A 92 16.59 8.69 -17.08
C GLN A 92 15.69 9.91 -17.19
N THR A 93 15.62 10.71 -16.15
CA THR A 93 14.80 11.90 -16.15
C THR A 93 15.53 12.87 -15.26
N SER A 94 15.11 14.13 -15.28
CA SER A 94 15.62 15.17 -14.36
C SER A 94 15.61 14.80 -12.91
N ASN A 95 14.70 13.92 -12.52
CA ASN A 95 14.51 13.61 -11.10
C ASN A 95 14.68 12.12 -10.77
N ARG A 96 15.04 11.34 -11.78
CA ARG A 96 15.25 9.91 -11.59
C ARG A 96 16.56 9.45 -12.19
N PHE A 97 17.38 8.86 -11.33
CA PHE A 97 18.66 8.27 -11.67
C PHE A 97 18.56 6.76 -11.54
N HIS A 98 19.20 6.03 -12.44
CA HIS A 98 19.16 4.57 -12.41
C HIS A 98 20.57 4.13 -12.57
N PHE A 99 20.99 3.20 -11.72
CA PHE A 99 22.25 2.48 -11.92
C PHE A 99 22.13 0.99 -11.56
N LYS A 100 22.81 0.16 -12.33
CA LYS A 100 22.88 -1.25 -11.98
C LYS A 100 24.29 -1.78 -12.04
N LEU A 101 24.54 -2.71 -11.13
CA LEU A 101 25.80 -3.40 -11.01
C LEU A 101 25.52 -4.81 -11.45
N THR A 102 26.19 -5.25 -12.51
CA THR A 102 26.00 -6.58 -13.07
C THR A 102 27.33 -7.30 -13.21
N ASP A 103 27.28 -8.58 -13.53
CA ASP A 103 28.49 -9.36 -13.82
C ASP A 103 28.90 -9.09 -15.26
N GLN A 104 30.12 -8.60 -15.46
CA GLN A 104 30.62 -8.27 -16.81
C GLN A 104 30.49 -9.43 -17.81
N THR A 105 30.76 -10.64 -17.33
CA THR A 105 30.96 -11.80 -18.19
C THR A 105 29.78 -12.78 -18.23
N ASN A 106 28.82 -12.59 -17.31
CA ASN A 106 27.65 -13.44 -17.22
C ASN A 106 26.37 -12.66 -17.01
N ASN A 107 25.34 -13.00 -17.78
CA ASN A 107 24.00 -12.56 -17.50
C ASN A 107 23.51 -13.21 -16.20
N ARG A 108 22.73 -12.45 -15.45
CA ARG A 108 22.19 -12.91 -14.19
C ARG A 108 20.70 -12.63 -14.17
N PHE A 109 20.02 -13.18 -13.14
CA PHE A 109 18.62 -12.92 -12.95
C PHE A 109 18.34 -11.41 -12.76
N GLU A 110 17.31 -10.95 -13.46
CA GLU A 110 16.82 -9.57 -13.40
C GLU A 110 15.32 -9.64 -13.38
N VAL A 111 14.70 -8.87 -12.48
CA VAL A 111 13.25 -8.88 -12.31
C VAL A 111 12.48 -8.56 -13.60
N PRO A 112 11.63 -9.48 -14.06
CA PRO A 112 10.87 -9.16 -15.26
C PRO A 112 9.60 -8.36 -14.93
N HIS A 113 9.78 -7.14 -14.45
CA HIS A 113 8.67 -6.31 -14.01
C HIS A 113 7.73 -6.06 -15.19
N GLU A 114 6.43 -6.11 -14.94
CA GLU A 114 5.40 -5.93 -15.95
C GLU A 114 5.29 -4.46 -16.41
N HIS A 115 5.70 -3.53 -15.55
CA HIS A 115 5.55 -2.11 -15.84
C HIS A 115 6.85 -1.40 -16.20
N VAL A 116 7.89 -1.58 -15.39
CA VAL A 116 9.16 -0.93 -15.65
C VAL A 116 9.70 -1.45 -16.99
N GLN A 117 10.12 -0.53 -17.86
CA GLN A 117 10.75 -0.85 -19.14
C GLN A 117 12.23 -0.47 -19.16
N SER A 118 13.00 -1.05 -20.09
CA SER A 118 14.39 -0.67 -20.27
C SER A 118 14.45 0.76 -20.79
N PHE A 119 15.58 1.41 -20.61
CA PHE A 119 15.71 2.78 -21.03
C PHE A 119 16.41 2.80 -22.39
N SER A 120 15.88 3.61 -23.30
CA SER A 120 16.51 3.83 -24.60
C SER A 120 16.68 5.34 -24.86
N GLY A 121 17.60 5.70 -25.74
CA GLY A 121 17.90 7.11 -26.01
C GLY A 121 18.73 7.80 -24.91
N ASN A 122 18.58 9.12 -24.85
CA ASN A 122 19.56 10.01 -24.30
C ASN A 122 19.29 10.48 -22.88
N ALA A 123 20.38 10.78 -22.17
CA ALA A 123 20.36 11.33 -20.82
C ALA A 123 19.54 12.62 -20.73
N ALA A 124 18.77 12.75 -19.66
CA ALA A 124 17.82 13.86 -19.53
C ALA A 124 18.55 15.19 -19.40
N ALA A 125 17.89 16.27 -19.82
CA ALA A 125 18.40 17.63 -19.62
C ALA A 125 18.05 18.10 -18.21
N SER A 126 18.60 19.23 -17.77
CA SER A 126 18.19 19.87 -16.51
C SER A 126 18.06 18.90 -15.31
N LEU A 127 19.12 18.18 -15.03
CA LEU A 127 19.16 17.27 -13.91
C LEU A 127 19.14 18.01 -12.60
N THR A 128 18.38 17.50 -11.65
CA THR A 128 18.36 18.05 -10.30
C THR A 128 19.46 17.47 -9.41
N TYR A 129 20.12 16.41 -9.91
CA TYR A 129 21.10 15.69 -9.11
C TYR A 129 22.41 15.67 -9.90
N GLN A 130 23.50 15.44 -9.20
CA GLN A 130 24.78 15.17 -9.86
C GLN A 130 25.36 13.88 -9.27
N VAL A 131 26.07 13.13 -10.11
CA VAL A 131 26.60 11.83 -9.73
C VAL A 131 28.13 11.88 -9.74
N GLU A 132 28.73 11.34 -8.67
CA GLU A 132 30.17 11.27 -8.56
C GLU A 132 30.60 9.82 -8.30
N ILE A 133 31.61 9.38 -9.07
CA ILE A 133 32.23 8.08 -8.91
C ILE A 133 33.66 8.27 -8.38
N SER A 134 34.01 7.51 -7.33
CA SER A 134 35.39 7.42 -6.85
C SER A 134 35.88 6.04 -7.26
N ARG A 135 37.18 5.91 -7.54
CA ARG A 135 37.68 4.66 -8.11
C ARG A 135 38.49 3.77 -7.16
N GLN A 136 39.14 4.37 -6.17
CA GLN A 136 40.14 3.65 -5.37
C GLN A 136 39.90 3.86 -3.89
N PRO A 137 38.94 3.12 -3.30
CA PRO A 137 38.07 2.10 -3.91
C PRO A 137 36.78 2.68 -4.50
N PHE A 138 36.03 1.83 -5.19
CA PHE A 138 34.79 2.24 -5.82
C PHE A 138 33.81 2.80 -4.80
N SER A 139 33.27 3.95 -5.12
CA SER A 139 32.03 4.37 -4.49
C SER A 139 31.25 5.24 -5.47
N ILE A 140 29.95 5.34 -5.21
CA ILE A 140 29.04 6.12 -6.02
C ILE A 140 28.31 7.02 -5.07
N LYS A 141 28.13 8.26 -5.52
CA LYS A 141 27.50 9.30 -4.72
C LYS A 141 26.51 10.05 -5.63
N VAL A 142 25.36 10.41 -5.09
CA VAL A 142 24.35 11.19 -5.80
C VAL A 142 24.07 12.37 -4.90
N THR A 143 24.22 13.59 -5.42
CA THR A 143 24.01 14.76 -4.58
C THR A 143 22.98 15.66 -5.22
N ARG A 144 22.26 16.42 -4.40
CA ARG A 144 21.30 17.38 -4.91
C ARG A 144 22.06 18.61 -5.43
N ARG A 145 21.85 18.97 -6.69
CA ARG A 145 22.53 20.13 -7.29
C ARG A 145 22.30 21.47 -6.62
N SER A 146 21.06 21.76 -6.20
CA SER A 146 20.73 23.10 -5.67
C SER A 146 21.46 23.49 -4.38
N ASN A 147 21.78 22.51 -3.54
CA ASN A 147 22.42 22.79 -2.26
C ASN A 147 23.60 21.84 -1.92
N ASN A 148 23.99 21.01 -2.88
CA ASN A 148 25.06 20.00 -2.71
C ASN A 148 24.86 18.92 -1.66
N ARG A 149 23.60 18.71 -1.26
CA ARG A 149 23.26 17.69 -0.24
C ARG A 149 23.59 16.32 -0.76
N VAL A 150 24.45 15.59 -0.02
CA VAL A 150 24.80 14.22 -0.41
C VAL A 150 23.61 13.33 -0.04
N LEU A 151 22.98 12.78 -1.06
CA LEU A 151 21.77 11.95 -0.86
C LEU A 151 22.09 10.45 -0.76
N PHE A 152 22.66 9.90 -1.83
CA PHE A 152 23.18 8.54 -1.86
C PHE A 152 24.72 8.66 -1.80
N ASP A 153 25.37 7.83 -0.99
CA ASP A 153 26.85 7.80 -0.85
C ASP A 153 27.28 6.41 -0.33
N SER A 154 27.76 5.57 -1.23
CA SER A 154 28.09 4.18 -0.92
C SER A 154 29.45 4.03 -0.23
N SER A 155 30.20 5.13 -0.08
CA SER A 155 31.59 5.07 0.39
C SER A 155 31.73 4.57 1.83
N ILE A 156 30.64 4.53 2.58
CA ILE A 156 30.65 4.11 4.00
C ILE A 156 31.00 2.62 4.14
N GLY A 157 30.70 1.86 3.10
CA GLY A 157 30.94 0.44 3.08
C GLY A 157 31.43 -0.03 1.73
N PRO A 158 31.78 -1.31 1.65
CA PRO A 158 32.19 -1.96 0.40
C PRO A 158 31.00 -2.26 -0.54
N LEU A 159 31.29 -2.58 -1.80
CA LEU A 159 30.42 -3.34 -2.68
C LEU A 159 30.85 -4.80 -2.53
N LEU A 160 29.88 -5.68 -2.28
CA LEU A 160 30.11 -7.13 -2.21
C LEU A 160 29.26 -7.74 -3.30
N PHE A 161 29.85 -8.57 -4.13
CA PHE A 161 29.11 -9.07 -5.26
C PHE A 161 29.54 -10.50 -5.52
N ALA A 162 28.97 -11.42 -4.74
CA ALA A 162 29.12 -12.86 -4.97
C ALA A 162 27.82 -13.36 -5.56
N ASP A 163 27.87 -14.58 -6.07
CA ASP A 163 26.73 -15.18 -6.76
C ASP A 163 25.46 -15.21 -5.91
N GLN A 164 25.64 -15.35 -4.60
CA GLN A 164 24.53 -15.46 -3.67
C GLN A 164 24.72 -14.60 -2.44
N PHE A 165 25.47 -13.51 -2.62
CA PHE A 165 25.62 -12.50 -1.59
C PHE A 165 26.02 -11.17 -2.24
N LEU A 166 25.07 -10.23 -2.29
CA LEU A 166 25.28 -8.91 -2.88
C LEU A 166 24.93 -7.88 -1.84
N GLN A 167 25.80 -6.90 -1.67
CA GLN A 167 25.61 -5.89 -0.63
C GLN A 167 26.12 -4.54 -1.08
N LEU A 168 25.33 -3.48 -0.81
CA LEU A 168 25.73 -2.09 -0.97
C LEU A 168 25.09 -1.29 0.14
N SER A 169 25.85 -0.32 0.65
CA SER A 169 25.37 0.59 1.69
C SER A 169 25.27 2.02 1.11
N THR A 170 24.49 2.86 1.75
CA THR A 170 24.52 4.29 1.47
C THR A 170 24.36 5.06 2.79
N ARG A 171 25.14 6.13 2.94
CA ARG A 171 24.90 7.11 3.99
C ARG A 171 23.56 7.79 3.70
N LEU A 172 22.98 8.39 4.73
CA LEU A 172 21.72 9.12 4.59
C LEU A 172 21.89 10.53 5.17
N PRO A 173 21.25 11.54 4.55
CA PRO A 173 21.36 12.92 5.05
C PRO A 173 20.55 13.25 6.32
N SER A 174 19.63 12.38 6.72
CA SER A 174 18.83 12.56 7.92
C SER A 174 18.38 11.20 8.47
N THR A 175 17.73 11.24 9.62
CA THR A 175 17.10 10.05 10.21
C THR A 175 15.56 10.07 9.99
N ASN A 176 15.07 10.95 9.10
CA ASN A 176 13.67 10.98 8.77
C ASN A 176 13.47 9.99 7.64
N VAL A 177 13.39 8.69 7.97
CA VAL A 177 13.41 7.63 6.99
C VAL A 177 12.10 6.83 7.14
N TYR A 178 11.43 6.56 6.02
CA TYR A 178 10.07 6.01 6.01
C TYR A 178 9.99 4.99 4.90
N GLY A 179 9.35 3.85 5.15
CA GLY A 179 9.20 2.87 4.07
C GLY A 179 9.76 1.52 4.47
N LEU A 180 10.09 0.70 3.47
CA LEU A 180 10.42 -0.72 3.64
C LEU A 180 9.21 -1.52 4.10
N GLY A 181 9.14 -2.73 3.60
CA GLY A 181 8.08 -3.64 4.02
C GLY A 181 8.24 -5.00 3.40
N GLU A 182 7.35 -5.93 3.72
CA GLU A 182 6.18 -5.69 4.55
C GLU A 182 6.51 -6.11 5.98
N HIS A 183 6.40 -5.18 6.91
CA HIS A 183 6.72 -5.50 8.31
C HIS A 183 5.72 -4.80 9.18
N VAL A 184 5.72 -5.13 10.47
CA VAL A 184 5.08 -4.27 11.49
C VAL A 184 6.26 -3.50 12.14
N HIS A 185 6.44 -2.27 11.71
CA HIS A 185 7.53 -1.45 12.25
C HIS A 185 7.18 -0.86 13.62
N GLN A 186 5.89 -0.78 13.92
CA GLN A 186 5.32 -0.17 15.15
C GLN A 186 5.33 1.36 15.14
N GLN A 187 6.48 1.93 14.80
N GLN A 187 6.48 1.94 14.78
CA GLN A 187 6.56 3.36 14.54
CA GLN A 187 6.59 3.38 14.57
C GLN A 187 6.57 3.58 13.04
C GLN A 187 6.77 3.65 13.08
N TYR A 188 6.32 4.82 12.62
CA TYR A 188 6.41 5.22 11.21
C TYR A 188 7.85 5.64 10.78
N ARG A 189 8.46 6.54 11.54
CA ARG A 189 9.82 6.95 11.27
C ARG A 189 10.79 5.87 11.78
N HIS A 190 11.67 5.39 10.92
CA HIS A 190 12.79 4.55 11.33
C HIS A 190 13.78 5.47 12.07
N ASP A 191 13.97 5.26 13.36
CA ASP A 191 14.87 6.17 14.12
C ASP A 191 16.37 5.93 13.88
N MET A 192 16.65 4.89 13.08
CA MET A 192 17.99 4.56 12.59
C MET A 192 18.90 3.94 13.64
N ASN A 193 18.35 3.59 14.79
CA ASN A 193 19.12 2.79 15.72
C ASN A 193 19.38 1.48 15.00
N TRP A 194 20.31 0.65 15.48
CA TRP A 194 20.76 -0.55 14.77
C TRP A 194 19.61 -1.53 14.58
N LYS A 195 19.27 -1.88 13.34
CA LYS A 195 18.07 -2.71 13.09
C LYS A 195 18.15 -3.37 11.72
N THR A 196 17.83 -4.66 11.67
CA THR A 196 17.79 -5.42 10.43
C THR A 196 16.34 -5.83 10.17
N TRP A 197 15.87 -5.59 8.94
CA TRP A 197 14.52 -5.95 8.48
C TRP A 197 14.64 -6.95 7.32
N PRO A 198 14.28 -8.23 7.59
CA PRO A 198 14.32 -9.16 6.46
C PRO A 198 13.11 -9.00 5.56
N ILE A 199 13.30 -9.28 4.28
CA ILE A 199 12.23 -9.19 3.34
C ILE A 199 12.17 -10.48 2.51
N PHE A 200 11.08 -11.23 2.63
CA PHE A 200 10.92 -12.49 1.92
C PHE A 200 9.50 -12.87 2.21
N ASN A 201 8.71 -13.03 1.14
CA ASN A 201 7.27 -13.18 1.29
C ASN A 201 6.94 -14.45 2.05
N ARG A 202 6.16 -14.28 3.11
CA ARG A 202 5.94 -15.29 4.13
C ARG A 202 4.61 -15.10 4.82
N ASP A 203 3.86 -16.20 4.88
CA ASP A 203 2.67 -16.29 5.70
C ASP A 203 3.07 -16.32 7.18
N THR A 204 3.00 -15.17 7.85
CA THR A 204 3.33 -15.09 9.27
C THR A 204 2.59 -13.95 9.87
N THR A 205 2.45 -13.98 11.20
CA THR A 205 1.61 -13.06 11.93
C THR A 205 2.25 -11.68 12.00
N PRO A 206 1.50 -10.63 11.63
CA PRO A 206 2.01 -9.31 11.85
C PRO A 206 1.91 -8.97 13.36
N ASN A 207 3.00 -9.16 14.07
CA ASN A 207 3.00 -9.01 15.53
C ASN A 207 4.19 -8.17 15.92
N GLY A 208 4.53 -8.14 17.20
CA GLY A 208 5.67 -7.35 17.65
C GLY A 208 7.05 -7.94 17.41
N ASN A 209 7.15 -9.07 16.72
CA ASN A 209 8.46 -9.69 16.48
C ASN A 209 9.30 -9.10 15.34
N GLY A 210 8.79 -8.12 14.61
CA GLY A 210 9.53 -7.57 13.47
C GLY A 210 10.01 -8.53 12.39
N THR A 211 9.20 -9.53 12.04
CA THR A 211 9.64 -10.48 10.99
C THR A 211 9.24 -10.00 9.59
N ASN A 212 9.82 -10.66 8.58
CA ASN A 212 9.30 -10.65 7.23
C ASN A 212 7.85 -11.07 7.21
N LEU A 213 7.01 -10.33 6.48
CA LEU A 213 5.60 -10.66 6.32
C LEU A 213 5.31 -10.98 4.87
N TYR A 214 4.10 -10.70 4.41
CA TYR A 214 3.55 -11.30 3.15
C TYR A 214 4.09 -10.77 1.84
N GLY A 215 4.54 -9.52 1.86
CA GLY A 215 5.02 -8.83 0.67
C GLY A 215 6.40 -8.24 0.78
N ALA A 216 6.91 -7.75 -0.35
CA ALA A 216 8.29 -7.33 -0.45
C ALA A 216 8.35 -5.90 -1.03
N GLN A 217 8.82 -4.95 -0.24
CA GLN A 217 8.83 -3.54 -0.65
C GLN A 217 10.14 -2.88 -0.26
N THR A 218 11.04 -2.67 -1.22
CA THR A 218 12.34 -2.12 -0.88
C THR A 218 12.38 -0.59 -0.84
N PHE A 219 11.29 0.05 -1.23
CA PHE A 219 11.31 1.53 -1.33
C PHE A 219 11.42 2.19 0.05
N PHE A 220 12.29 3.20 0.17
CA PHE A 220 12.18 4.12 1.28
C PHE A 220 12.27 5.56 0.78
N LEU A 221 11.72 6.45 1.59
CA LEU A 221 11.69 7.90 1.34
C LEU A 221 12.45 8.56 2.49
N CYS A 222 13.26 9.56 2.16
CA CYS A 222 14.01 10.31 3.18
C CYS A 222 13.68 11.79 3.04
N LEU A 223 13.13 12.38 4.11
CA LEU A 223 12.97 13.83 4.19
C LEU A 223 14.29 14.46 4.71
N GLU A 224 14.97 15.20 3.83
CA GLU A 224 16.32 15.71 4.11
C GLU A 224 16.32 16.76 5.21
N ASP A 225 15.34 17.67 5.18
CA ASP A 225 15.28 18.75 6.15
C ASP A 225 13.90 19.43 6.09
N ALA A 226 13.69 20.38 7.00
CA ALA A 226 12.45 21.16 7.10
C ALA A 226 12.02 21.96 5.85
N SER A 227 12.89 22.13 4.86
CA SER A 227 12.46 22.79 3.64
C SER A 227 11.50 21.89 2.83
N GLY A 228 11.57 20.56 3.05
CA GLY A 228 10.68 19.58 2.38
C GLY A 228 11.43 18.73 1.38
N LEU A 229 12.61 19.23 0.95
CA LEU A 229 13.44 18.52 -0.02
C LEU A 229 13.60 17.08 0.47
N SER A 230 13.31 16.12 -0.40
CA SER A 230 13.24 14.72 -0.02
C SER A 230 13.78 13.90 -1.17
N PHE A 231 14.14 12.65 -0.89
CA PHE A 231 14.56 11.73 -1.97
C PHE A 231 14.10 10.31 -1.60
N GLY A 232 14.12 9.42 -2.60
CA GLY A 232 13.71 8.00 -2.43
C GLY A 232 14.71 7.08 -3.07
N VAL A 233 14.79 5.86 -2.56
CA VAL A 233 15.68 4.85 -3.15
C VAL A 233 14.81 3.59 -3.32
N PHE A 234 14.89 2.99 -4.51
CA PHE A 234 14.25 1.75 -4.78
C PHE A 234 15.27 0.71 -5.34
N LEU A 235 15.28 -0.47 -4.74
CA LEU A 235 16.07 -1.58 -5.26
C LEU A 235 15.14 -2.55 -5.99
N MET A 236 15.34 -2.71 -7.30
CA MET A 236 14.59 -3.67 -8.07
C MET A 236 15.26 -5.07 -7.97
N ASN A 237 14.89 -5.79 -6.92
CA ASN A 237 15.50 -7.11 -6.65
C ASN A 237 14.44 -7.92 -5.91
N SER A 238 14.25 -9.17 -6.36
CA SER A 238 13.21 -10.08 -5.84
C SER A 238 13.76 -11.31 -5.09
N ASN A 239 15.08 -11.37 -4.88
CA ASN A 239 15.68 -12.39 -4.04
C ASN A 239 15.48 -12.09 -2.55
N ALA A 240 15.65 -13.08 -1.68
CA ALA A 240 15.55 -12.87 -0.23
C ALA A 240 16.61 -11.86 0.16
N MET A 241 16.27 -10.95 1.06
CA MET A 241 17.21 -9.90 1.39
C MET A 241 16.93 -9.39 2.80
N GLU A 242 17.85 -8.58 3.32
CA GLU A 242 17.57 -7.84 4.55
C GLU A 242 18.10 -6.43 4.38
N VAL A 243 17.43 -5.50 5.05
CA VAL A 243 17.85 -4.13 5.00
C VAL A 243 18.33 -3.79 6.39
N VAL A 244 19.50 -3.17 6.48
CA VAL A 244 20.19 -2.95 7.74
C VAL A 244 20.35 -1.47 8.02
N LEU A 245 19.77 -1.03 9.14
CA LEU A 245 19.72 0.38 9.44
C LEU A 245 20.64 0.62 10.63
N GLN A 246 21.40 1.70 10.58
CA GLN A 246 22.32 2.04 11.65
C GLN A 246 22.44 3.56 11.84
N PRO A 247 22.88 4.00 13.04
CA PRO A 247 22.77 5.43 13.32
C PRO A 247 23.85 6.36 12.72
N ALA A 248 24.67 5.88 11.78
CA ALA A 248 25.58 6.77 11.04
C ALA A 248 25.01 8.19 10.74
N PRO A 249 23.79 8.29 10.09
CA PRO A 249 22.84 7.26 9.60
C PRO A 249 23.19 6.63 8.25
N ALA A 250 22.82 5.36 8.11
CA ALA A 250 23.08 4.63 6.88
C ALA A 250 22.12 3.45 6.74
N ILE A 251 21.98 2.98 5.51
CA ILE A 251 21.16 1.83 5.21
C ILE A 251 21.97 0.93 4.30
N THR A 252 21.92 -0.37 4.56
CA THR A 252 22.58 -1.37 3.74
C THR A 252 21.53 -2.34 3.20
N TYR A 253 21.60 -2.63 1.91
CA TYR A 253 20.83 -3.70 1.28
C TYR A 253 21.73 -4.94 1.13
N ARG A 254 21.24 -6.09 1.54
CA ARG A 254 22.00 -7.35 1.52
C ARG A 254 21.08 -8.40 0.92
N THR A 255 21.31 -8.78 -0.33
CA THR A 255 20.44 -9.76 -0.99
C THR A 255 21.21 -11.02 -1.39
N ILE A 256 20.50 -12.14 -1.62
CA ILE A 256 21.19 -13.43 -1.90
C ILE A 256 21.11 -13.84 -3.35
N GLY A 257 20.69 -12.91 -4.21
CA GLY A 257 20.76 -13.17 -5.64
C GLY A 257 20.50 -11.96 -6.52
N GLY A 258 20.44 -12.22 -7.82
CA GLY A 258 20.04 -11.26 -8.79
C GLY A 258 21.15 -10.25 -9.02
N ILE A 259 20.73 -9.02 -9.27
CA ILE A 259 21.68 -7.95 -9.46
C ILE A 259 21.30 -6.78 -8.57
N LEU A 260 22.21 -5.82 -8.44
CA LEU A 260 21.94 -4.63 -7.68
C LEU A 260 21.49 -3.54 -8.66
N ASP A 261 20.18 -3.33 -8.71
CA ASP A 261 19.56 -2.44 -9.68
C ASP A 261 18.79 -1.34 -8.93
N PHE A 262 19.39 -0.14 -8.92
CA PHE A 262 18.97 0.92 -8.00
C PHE A 262 18.41 2.08 -8.77
N TYR A 263 17.37 2.66 -8.19
CA TYR A 263 16.80 3.89 -8.64
C TYR A 263 16.83 4.90 -7.51
N VAL A 264 17.15 6.15 -7.84
CA VAL A 264 17.21 7.24 -6.85
C VAL A 264 16.27 8.36 -7.39
N PHE A 265 15.38 8.87 -6.53
CA PHE A 265 14.35 9.81 -6.93
C PHE A 265 14.52 11.09 -6.13
N LEU A 266 14.48 12.26 -6.79
CA LEU A 266 14.54 13.53 -6.04
C LEU A 266 13.21 14.23 -6.18
N GLY A 267 12.77 14.90 -5.13
CA GLY A 267 11.56 15.71 -5.15
C GLY A 267 11.71 16.94 -4.26
N ASN A 268 10.86 17.96 -4.47
CA ASN A 268 10.89 19.13 -3.61
C ASN A 268 10.15 18.94 -2.30
N THR A 269 9.30 17.92 -2.26
CA THR A 269 8.48 17.59 -1.10
C THR A 269 8.41 16.05 -1.01
N PRO A 270 8.05 15.50 0.16
CA PRO A 270 7.83 14.04 0.22
C PRO A 270 6.84 13.49 -0.81
N GLU A 271 5.74 14.22 -1.06
CA GLU A 271 4.76 13.86 -2.05
C GLU A 271 5.33 13.75 -3.46
N GLN A 272 6.27 14.63 -3.82
CA GLN A 272 6.94 14.51 -5.08
C GLN A 272 7.85 13.28 -5.21
N VAL A 273 8.49 12.87 -4.14
CA VAL A 273 9.25 11.58 -4.18
C VAL A 273 8.33 10.38 -4.49
N VAL A 274 7.24 10.26 -3.76
CA VAL A 274 6.20 9.22 -3.97
C VAL A 274 5.75 9.29 -5.43
N GLN A 275 5.45 10.50 -5.94
CA GLN A 275 5.04 10.65 -7.33
C GLN A 275 6.08 10.15 -8.35
N GLU A 276 7.33 10.44 -8.07
CA GLU A 276 8.45 10.02 -8.92
C GLU A 276 8.62 8.47 -8.85
N TYR A 277 8.51 7.93 -7.65
CA TYR A 277 8.59 6.48 -7.50
C TYR A 277 7.45 5.77 -8.23
N LEU A 278 6.22 6.30 -8.13
CA LEU A 278 5.09 5.63 -8.77
C LEU A 278 5.07 5.83 -10.27
N GLU A 279 5.63 6.94 -10.74
CA GLU A 279 5.84 7.16 -12.16
C GLU A 279 6.72 6.05 -12.73
N LEU A 280 7.75 5.67 -11.99
CA LEU A 280 8.54 4.48 -12.41
C LEU A 280 7.80 3.13 -12.29
N ILE A 281 7.36 2.75 -11.08
CA ILE A 281 6.87 1.37 -10.93
C ILE A 281 5.43 1.16 -11.33
N GLY A 282 4.68 2.25 -11.50
CA GLY A 282 3.26 2.12 -11.77
C GLY A 282 2.36 2.71 -10.71
N ARG A 283 1.53 3.67 -11.12
CA ARG A 283 0.53 4.29 -10.26
C ARG A 283 -0.62 3.35 -9.97
N PRO A 284 -1.26 3.52 -8.79
CA PRO A 284 -2.36 2.64 -8.43
C PRO A 284 -3.58 2.71 -9.31
N ALA A 285 -4.22 1.56 -9.45
CA ALA A 285 -5.54 1.45 -10.12
C ALA A 285 -6.52 2.39 -9.42
N LEU A 286 -7.38 3.02 -10.22
CA LEU A 286 -8.51 3.77 -9.69
C LEU A 286 -9.56 2.75 -9.24
N PRO A 287 -9.97 2.78 -7.96
CA PRO A 287 -10.88 1.73 -7.49
C PRO A 287 -12.27 1.89 -8.03
N SER A 288 -13.06 0.82 -7.99
CA SER A 288 -14.51 0.99 -8.15
C SER A 288 -14.99 1.83 -6.99
N TYR A 289 -15.94 2.71 -7.24
CA TYR A 289 -16.40 3.60 -6.21
C TYR A 289 -17.00 2.79 -5.06
N TRP A 290 -17.74 1.75 -5.40
CA TRP A 290 -18.29 0.85 -4.36
C TRP A 290 -17.26 0.22 -3.43
N ALA A 291 -16.06 -0.02 -3.92
CA ALA A 291 -15.04 -0.67 -3.09
C ALA A 291 -14.52 0.33 -2.01
N LEU A 292 -14.97 1.59 -2.10
CA LEU A 292 -14.64 2.62 -1.10
C LEU A 292 -15.63 2.60 0.06
N GLY A 293 -16.69 1.83 -0.09
CA GLY A 293 -17.64 1.68 1.01
C GLY A 293 -17.11 0.71 2.07
N PHE A 294 -17.95 0.42 3.04
CA PHE A 294 -17.61 -0.56 4.07
C PHE A 294 -17.77 -2.01 3.64
N HIS A 295 -16.79 -2.84 3.98
CA HIS A 295 -16.74 -4.27 3.67
C HIS A 295 -16.91 -5.05 4.96
N LEU A 296 -17.74 -6.09 4.94
CA LEU A 296 -17.88 -6.98 6.11
C LEU A 296 -17.51 -8.38 5.71
N SER A 297 -16.86 -9.08 6.62
CA SER A 297 -16.31 -10.40 6.30
C SER A 297 -16.12 -11.27 7.55
N ARG A 298 -16.04 -12.59 7.39
CA ARG A 298 -15.40 -13.44 8.41
C ARG A 298 -14.96 -14.78 7.87
N TYR A 299 -13.97 -15.35 8.56
CA TYR A 299 -13.52 -16.70 8.32
C TYR A 299 -14.50 -17.61 9.06
N GLU A 300 -15.20 -18.45 8.29
CA GLU A 300 -16.18 -19.41 8.85
C GLU A 300 -17.45 -18.77 9.42
N TYR A 301 -18.34 -18.32 8.53
CA TYR A 301 -19.73 -18.22 8.93
C TYR A 301 -20.25 -19.67 9.10
N GLY A 302 -19.66 -20.58 8.32
CA GLY A 302 -19.94 -22.01 8.39
C GLY A 302 -21.03 -22.39 7.40
N THR A 303 -22.12 -21.64 7.42
CA THR A 303 -23.26 -21.92 6.54
C THR A 303 -23.82 -20.61 5.96
N LEU A 304 -24.52 -20.74 4.82
CA LEU A 304 -25.17 -19.59 4.21
C LEU A 304 -26.21 -18.94 5.12
N ASP A 305 -26.96 -19.73 5.88
CA ASP A 305 -27.91 -19.21 6.86
C ASP A 305 -27.22 -18.30 7.87
N ASN A 306 -26.05 -18.73 8.33
CA ASN A 306 -25.24 -17.89 9.24
C ASN A 306 -24.78 -16.57 8.61
N MET A 307 -24.28 -16.64 7.38
CA MET A 307 -23.84 -15.45 6.67
C MET A 307 -25.01 -14.49 6.42
N ARG A 308 -26.09 -15.06 5.89
CA ARG A 308 -27.31 -14.29 5.68
C ARG A 308 -27.82 -13.65 6.95
N GLU A 309 -27.71 -14.34 8.09
CA GLU A 309 -28.15 -13.75 9.36
C GLU A 309 -27.37 -12.46 9.69
N VAL A 310 -26.05 -12.53 9.54
CA VAL A 310 -25.14 -11.39 9.80
C VAL A 310 -25.42 -10.24 8.83
N VAL A 311 -25.62 -10.57 7.55
CA VAL A 311 -25.88 -9.59 6.52
C VAL A 311 -27.13 -8.86 6.91
N GLU A 312 -28.14 -9.63 7.31
CA GLU A 312 -29.46 -9.11 7.64
C GLU A 312 -29.50 -8.24 8.90
N ARG A 313 -28.84 -8.66 9.97
CA ARG A 313 -28.80 -7.77 11.14
C ARG A 313 -28.06 -6.45 10.89
N ASN A 314 -27.07 -6.45 10.00
CA ASN A 314 -26.35 -5.20 9.74
C ASN A 314 -27.12 -4.27 8.83
N ARG A 315 -27.83 -4.82 7.84
CA ARG A 315 -28.78 -4.05 7.05
C ARG A 315 -29.94 -3.48 7.88
N ALA A 316 -30.49 -4.28 8.79
CA ALA A 316 -31.57 -3.85 9.68
C ALA A 316 -31.15 -2.67 10.54
N ALA A 317 -29.86 -2.64 10.90
CA ALA A 317 -29.29 -1.55 11.68
C ALA A 317 -29.02 -0.29 10.84
N GLN A 318 -29.26 -0.35 9.51
CA GLN A 318 -28.97 0.76 8.59
C GLN A 318 -27.46 1.16 8.60
N LEU A 319 -26.60 0.15 8.73
CA LEU A 319 -25.18 0.32 8.60
C LEU A 319 -24.80 0.59 7.13
N PRO A 320 -24.00 1.64 6.85
CA PRO A 320 -23.44 1.78 5.49
C PRO A 320 -22.53 0.58 5.23
N TYR A 321 -22.75 -0.13 4.12
CA TYR A 321 -22.30 -1.53 4.02
C TYR A 321 -22.49 -1.95 2.57
N ASP A 322 -21.42 -1.88 1.80
CA ASP A 322 -21.47 -2.14 0.36
C ASP A 322 -21.09 -3.55 -0.04
N VAL A 323 -20.17 -4.14 0.71
CA VAL A 323 -19.53 -5.38 0.26
C VAL A 323 -19.54 -6.42 1.36
N GLN A 324 -19.94 -7.63 0.94
CA GLN A 324 -19.84 -8.81 1.76
C GLN A 324 -18.77 -9.70 1.14
N HIS A 325 -17.86 -10.20 1.98
CA HIS A 325 -16.85 -11.14 1.49
C HIS A 325 -17.26 -12.53 1.95
N ALA A 326 -16.83 -13.52 1.16
CA ALA A 326 -17.06 -14.92 1.42
C ALA A 326 -15.72 -15.60 1.44
N ASP A 327 -15.42 -16.17 2.59
CA ASP A 327 -14.15 -16.79 2.86
C ASP A 327 -14.27 -18.27 2.46
N ILE A 328 -13.25 -19.08 2.78
CA ILE A 328 -13.15 -20.42 2.23
C ILE A 328 -14.28 -21.39 2.62
N ASP A 329 -15.03 -21.06 3.67
CA ASP A 329 -16.23 -21.83 4.03
C ASP A 329 -17.29 -21.99 2.93
N TYR A 330 -17.31 -21.09 1.93
CA TYR A 330 -18.36 -21.15 0.88
C TYR A 330 -18.07 -22.32 -0.05
N MET A 331 -16.81 -22.71 -0.11
CA MET A 331 -16.35 -23.75 -1.02
C MET A 331 -16.82 -25.17 -0.63
N ASP A 332 -16.76 -26.08 -1.60
CA ASP A 332 -17.05 -27.49 -1.35
C ASP A 332 -15.74 -28.09 -0.87
N GLU A 333 -15.61 -28.23 0.45
CA GLU A 333 -14.39 -28.75 1.08
C GLU A 333 -13.14 -27.92 0.75
N ARG A 334 -13.28 -26.58 0.78
CA ARG A 334 -12.15 -25.66 0.63
C ARG A 334 -11.45 -25.80 -0.70
N ARG A 335 -12.23 -26.07 -1.76
CA ARG A 335 -11.70 -26.18 -3.11
C ARG A 335 -12.15 -25.05 -4.02
N ASP A 336 -11.19 -24.33 -4.64
CA ASP A 336 -11.52 -23.21 -5.55
C ASP A 336 -12.59 -23.61 -6.58
N PHE A 337 -13.45 -22.64 -6.93
CA PHE A 337 -14.41 -22.76 -8.03
C PHE A 337 -15.47 -23.83 -7.77
N THR A 338 -15.85 -23.95 -6.50
CA THR A 338 -16.96 -24.78 -6.12
C THR A 338 -17.65 -24.03 -5.02
N TYR A 339 -18.94 -24.28 -4.83
CA TYR A 339 -19.54 -23.96 -3.54
C TYR A 339 -20.15 -25.19 -2.88
N ASP A 340 -20.34 -25.12 -1.57
CA ASP A 340 -20.88 -26.22 -0.78
C ASP A 340 -22.39 -26.30 -0.97
N SER A 341 -22.83 -27.28 -1.77
CA SER A 341 -24.25 -27.41 -2.12
C SER A 341 -25.18 -27.75 -0.96
N VAL A 342 -24.63 -28.22 0.16
CA VAL A 342 -25.42 -28.39 1.39
C VAL A 342 -25.36 -27.15 2.28
N ASP A 343 -24.19 -26.80 2.84
CA ASP A 343 -24.12 -25.67 3.78
C ASP A 343 -24.32 -24.30 3.12
N PHE A 344 -23.99 -24.22 1.83
CA PHE A 344 -24.27 -23.03 1.01
C PHE A 344 -25.27 -23.29 -0.12
N LYS A 345 -26.22 -24.20 0.12
CA LYS A 345 -27.36 -24.40 -0.78
C LYS A 345 -28.07 -23.05 -0.90
N GLY A 346 -28.31 -22.64 -2.14
CA GLY A 346 -29.05 -21.39 -2.39
C GLY A 346 -28.13 -20.18 -2.44
N PHE A 347 -26.83 -20.46 -2.59
CA PHE A 347 -25.79 -19.41 -2.71
C PHE A 347 -26.12 -18.46 -3.87
N PRO A 348 -26.45 -18.99 -5.09
CA PRO A 348 -26.85 -18.04 -6.17
C PRO A 348 -28.03 -17.11 -5.83
N GLU A 349 -29.05 -17.58 -5.11
CA GLU A 349 -30.18 -16.71 -4.73
C GLU A 349 -29.76 -15.61 -3.74
N PHE A 350 -28.87 -15.98 -2.83
CA PHE A 350 -28.26 -15.02 -1.89
C PHE A 350 -27.52 -13.89 -2.62
N VAL A 351 -26.76 -14.24 -3.66
CA VAL A 351 -26.01 -13.25 -4.42
C VAL A 351 -26.97 -12.32 -5.16
N ASN A 352 -28.09 -12.88 -5.67
CA ASN A 352 -29.19 -12.07 -6.18
C ASN A 352 -29.73 -11.09 -5.16
N GLU A 353 -29.96 -11.57 -3.94
CA GLU A 353 -30.48 -10.71 -2.85
C GLU A 353 -29.50 -9.56 -2.53
N LEU A 354 -28.22 -9.90 -2.39
CA LEU A 354 -27.17 -8.87 -2.26
C LEU A 354 -27.30 -7.80 -3.32
N HIS A 355 -27.29 -8.22 -4.59
CA HIS A 355 -27.34 -7.33 -5.74
C HIS A 355 -28.59 -6.46 -5.76
N ASN A 356 -29.72 -7.05 -5.37
CA ASN A 356 -31.00 -6.34 -5.28
CA ASN A 356 -30.95 -6.28 -5.33
C ASN A 356 -30.98 -5.27 -4.20
N ASN A 357 -30.14 -5.49 -3.19
CA ASN A 357 -30.04 -4.54 -2.10
C ASN A 357 -28.89 -3.53 -2.31
N GLY A 358 -28.34 -3.53 -3.52
CA GLY A 358 -27.29 -2.60 -3.90
C GLY A 358 -25.91 -3.00 -3.42
N GLN A 359 -25.73 -4.26 -3.03
CA GLN A 359 -24.46 -4.71 -2.46
C GLN A 359 -23.68 -5.55 -3.41
N LYS A 360 -22.47 -5.91 -3.00
CA LYS A 360 -21.54 -6.60 -3.85
C LYS A 360 -20.99 -7.77 -3.11
N LEU A 361 -20.55 -8.78 -3.84
CA LEU A 361 -19.96 -9.98 -3.26
C LEU A 361 -18.55 -10.15 -3.77
N VAL A 362 -17.61 -10.20 -2.83
CA VAL A 362 -16.24 -10.58 -3.14
C VAL A 362 -15.99 -11.98 -2.54
N ILE A 363 -15.36 -12.85 -3.32
CA ILE A 363 -15.12 -14.24 -2.95
C ILE A 363 -13.62 -14.44 -2.90
N ILE A 364 -13.22 -15.28 -1.93
CA ILE A 364 -11.84 -15.60 -1.77
C ILE A 364 -11.48 -16.68 -2.78
N VAL A 365 -10.24 -16.66 -3.20
CA VAL A 365 -9.72 -17.67 -4.09
C VAL A 365 -8.26 -17.88 -3.69
N ASP A 366 -7.85 -19.14 -3.65
CA ASP A 366 -6.50 -19.49 -3.26
C ASP A 366 -5.74 -19.91 -4.52
N PRO A 367 -4.42 -19.79 -4.52
CA PRO A 367 -3.71 -20.27 -5.71
C PRO A 367 -3.69 -21.83 -5.81
N ALA A 368 -3.63 -22.52 -4.68
CA ALA A 368 -3.47 -23.98 -4.68
C ALA A 368 -4.70 -24.70 -5.26
N ILE A 369 -4.46 -25.65 -6.16
CA ILE A 369 -5.57 -26.38 -6.80
C ILE A 369 -5.45 -27.88 -6.41
N SER A 370 -6.50 -28.45 -5.83
CA SER A 370 -6.49 -29.91 -5.49
C SER A 370 -6.08 -30.79 -6.68
N ASN A 371 -5.17 -31.76 -6.47
CA ASN A 371 -4.84 -32.73 -7.52
C ASN A 371 -5.67 -34.02 -7.42
N ASN A 372 -6.82 -33.94 -6.78
CA ASN A 372 -7.67 -35.10 -6.54
C ASN A 372 -8.80 -35.09 -7.53
N SER A 373 -8.55 -35.76 -8.65
CA SER A 373 -9.51 -35.84 -9.72
C SER A 373 -9.55 -37.29 -10.18
N SER A 374 -10.76 -37.85 -10.27
CA SER A 374 -10.94 -39.21 -10.78
C SER A 374 -12.07 -39.22 -11.79
N SER A 375 -12.28 -40.36 -12.43
CA SER A 375 -13.42 -40.53 -13.36
C SER A 375 -14.73 -40.52 -12.56
N SER A 376 -14.69 -41.16 -11.39
CA SER A 376 -15.77 -41.14 -10.44
C SER A 376 -16.14 -39.69 -10.12
N LYS A 377 -15.18 -38.95 -9.54
CA LYS A 377 -15.38 -37.55 -9.16
C LYS A 377 -14.38 -36.60 -9.86
N PRO A 378 -14.82 -35.97 -10.96
CA PRO A 378 -13.90 -35.09 -11.69
C PRO A 378 -13.73 -33.73 -11.00
N TYR A 379 -12.52 -33.18 -11.03
CA TYR A 379 -12.32 -31.80 -10.57
C TYR A 379 -11.80 -30.94 -11.73
N GLY A 380 -12.73 -30.18 -12.31
CA GLY A 380 -12.49 -29.36 -13.52
C GLY A 380 -11.26 -28.47 -13.53
N PRO A 381 -11.09 -27.59 -12.51
CA PRO A 381 -9.87 -26.73 -12.46
C PRO A 381 -8.58 -27.53 -12.59
N TYR A 382 -8.47 -28.65 -11.88
CA TYR A 382 -7.28 -29.48 -12.00
C TYR A 382 -7.13 -30.15 -13.37
N ASP A 383 -8.21 -30.74 -13.88
CA ASP A 383 -8.11 -31.41 -15.19
C ASP A 383 -7.69 -30.43 -16.30
N ARG A 384 -8.36 -29.29 -16.34
CA ARG A 384 -8.09 -28.25 -17.35
C ARG A 384 -6.68 -27.65 -17.22
N GLY A 385 -6.24 -27.40 -15.99
CA GLY A 385 -4.90 -26.90 -15.77
C GLY A 385 -3.85 -27.91 -16.16
N SER A 386 -4.14 -29.19 -15.91
CA SER A 386 -3.19 -30.26 -16.25
C SER A 386 -3.09 -30.46 -17.76
N ASP A 387 -4.21 -30.31 -18.47
CA ASP A 387 -4.22 -30.33 -19.94
C ASP A 387 -3.41 -29.17 -20.51
N MET A 388 -3.48 -28.02 -19.86
CA MET A 388 -2.76 -26.85 -20.36
C MET A 388 -1.31 -26.81 -19.90
N LYS A 389 -0.97 -27.69 -18.96
CA LYS A 389 0.39 -27.84 -18.47
C LYS A 389 0.94 -26.54 -17.82
N ILE A 390 0.10 -25.94 -16.97
CA ILE A 390 0.35 -24.60 -16.45
C ILE A 390 0.72 -24.54 -14.95
N TRP A 391 1.17 -25.67 -14.39
CA TRP A 391 1.58 -25.71 -12.98
C TRP A 391 3.04 -25.36 -12.80
N VAL A 392 3.40 -24.98 -11.58
CA VAL A 392 4.77 -24.92 -11.11
C VAL A 392 5.33 -26.36 -11.09
N ASN A 393 6.52 -26.53 -11.65
CA ASN A 393 7.20 -27.83 -11.68
C ASN A 393 8.32 -27.91 -10.64
N SER A 394 8.67 -29.13 -10.25
CA SER A 394 9.87 -29.42 -9.47
C SER A 394 11.12 -29.18 -10.31
N SER A 395 12.29 -29.33 -9.70
CA SER A 395 13.57 -29.01 -10.36
C SER A 395 13.83 -29.75 -11.69
N ASP A 396 13.22 -30.93 -11.86
CA ASP A 396 13.34 -31.71 -13.12
C ASP A 396 12.72 -30.98 -14.30
N GLY A 397 11.91 -29.97 -14.01
CA GLY A 397 11.39 -29.07 -15.01
C GLY A 397 10.15 -29.55 -15.70
N VAL A 398 9.67 -30.75 -15.36
CA VAL A 398 8.55 -31.37 -16.11
C VAL A 398 7.42 -31.99 -15.25
N THR A 399 7.68 -32.24 -13.97
CA THR A 399 6.69 -32.83 -13.06
C THR A 399 6.13 -31.74 -12.17
N PRO A 400 4.80 -31.50 -12.24
CA PRO A 400 4.16 -30.51 -11.36
C PRO A 400 4.53 -30.76 -9.91
N LEU A 401 4.91 -29.69 -9.21
CA LEU A 401 5.31 -29.80 -7.82
C LEU A 401 4.08 -29.99 -6.95
N ILE A 402 4.15 -30.96 -6.02
CA ILE A 402 3.02 -31.21 -5.11
C ILE A 402 3.28 -30.66 -3.74
N GLY A 403 2.35 -29.86 -3.25
CA GLY A 403 2.43 -29.36 -1.90
C GLY A 403 1.14 -29.70 -1.18
N GLU A 404 0.88 -29.05 -0.06
CA GLU A 404 -0.36 -29.30 0.63
C GLU A 404 -0.97 -28.05 1.21
N VAL A 405 -2.23 -27.78 0.90
CA VAL A 405 -2.93 -26.65 1.51
C VAL A 405 -4.32 -27.05 1.99
N TRP A 406 -5.33 -26.20 1.82
CA TRP A 406 -6.66 -26.46 2.41
C TRP A 406 -7.38 -27.72 1.89
N PRO A 407 -7.33 -27.98 0.58
CA PRO A 407 -8.06 -29.16 0.13
C PRO A 407 -7.29 -30.49 0.29
N GLY A 408 -6.03 -30.45 0.72
CA GLY A 408 -5.17 -31.64 0.69
C GLY A 408 -3.94 -31.42 -0.17
N GLN A 409 -3.44 -32.47 -0.83
CA GLN A 409 -2.38 -32.30 -1.82
C GLN A 409 -2.82 -31.36 -2.95
N THR A 410 -1.90 -30.54 -3.43
CA THR A 410 -2.24 -29.51 -4.39
C THR A 410 -1.11 -29.31 -5.34
N VAL A 411 -1.44 -28.76 -6.51
CA VAL A 411 -0.44 -28.21 -7.40
C VAL A 411 -0.68 -26.67 -7.35
N PHE A 412 0.29 -25.88 -7.82
CA PHE A 412 0.22 -24.43 -7.76
C PHE A 412 0.34 -23.89 -9.18
N PRO A 413 -0.56 -22.97 -9.56
CA PRO A 413 -0.51 -22.35 -10.86
C PRO A 413 0.76 -21.53 -11.06
N ASP A 414 1.27 -21.53 -12.29
CA ASP A 414 2.42 -20.74 -12.64
C ASP A 414 1.92 -19.50 -13.37
N TYR A 415 1.55 -18.49 -12.58
CA TYR A 415 0.93 -17.28 -13.12
C TYR A 415 1.93 -16.44 -13.94
N THR A 416 3.21 -16.83 -13.96
CA THR A 416 4.20 -16.14 -14.81
C THR A 416 4.11 -16.59 -16.27
N ASN A 417 3.28 -17.60 -16.50
CA ASN A 417 3.04 -18.15 -17.84
C ASN A 417 1.76 -17.51 -18.36
N PRO A 418 1.84 -16.81 -19.52
CA PRO A 418 0.66 -16.18 -20.14
C PRO A 418 -0.50 -17.15 -20.38
N ASN A 419 -0.20 -18.43 -20.60
CA ASN A 419 -1.28 -19.43 -20.73
C ASN A 419 -2.01 -19.69 -19.43
N CYS A 420 -1.31 -19.55 -18.31
CA CYS A 420 -1.94 -19.75 -17.02
C CYS A 420 -3.01 -18.68 -16.77
N ALA A 421 -2.79 -17.44 -17.19
CA ALA A 421 -3.86 -16.44 -17.19
C ALA A 421 -5.06 -16.85 -18.06
N VAL A 422 -4.82 -17.48 -19.20
CA VAL A 422 -5.97 -17.99 -20.00
C VAL A 422 -6.71 -19.13 -19.23
N TRP A 423 -5.98 -20.08 -18.67
CA TRP A 423 -6.59 -21.11 -17.81
C TRP A 423 -7.38 -20.49 -16.64
N TRP A 424 -6.75 -19.56 -15.93
CA TRP A 424 -7.33 -18.89 -14.75
C TRP A 424 -8.58 -18.13 -15.10
N THR A 425 -8.54 -17.46 -16.26
CA THR A 425 -9.67 -16.68 -16.74
C THR A 425 -10.86 -17.58 -17.01
N LYS A 426 -10.60 -18.69 -17.70
CA LYS A 426 -11.69 -19.66 -17.96
C LYS A 426 -12.29 -20.22 -16.69
N GLU A 427 -11.46 -20.46 -15.65
CA GLU A 427 -11.98 -20.94 -14.35
C GLU A 427 -12.96 -19.95 -13.74
N PHE A 428 -12.59 -18.68 -13.76
CA PHE A 428 -13.47 -17.63 -13.25
C PHE A 428 -14.75 -17.44 -14.08
N GLU A 429 -14.65 -17.53 -15.40
CA GLU A 429 -15.85 -17.41 -16.23
C GLU A 429 -16.85 -18.55 -15.99
N LEU A 430 -16.32 -19.78 -15.91
CA LEU A 430 -17.14 -20.93 -15.52
C LEU A 430 -17.77 -20.74 -14.16
N PHE A 431 -16.95 -20.43 -13.16
CA PHE A 431 -17.50 -20.28 -11.82
C PHE A 431 -18.49 -19.12 -11.71
N HIS A 432 -18.24 -18.03 -12.43
CA HIS A 432 -19.13 -16.84 -12.45
C HIS A 432 -20.57 -17.09 -12.96
N ASN A 433 -20.73 -18.06 -13.85
CA ASN A 433 -22.04 -18.50 -14.33
C ASN A 433 -22.93 -19.06 -13.24
N GLN A 434 -22.31 -19.66 -12.23
CA GLN A 434 -23.02 -20.23 -11.06
C GLN A 434 -23.21 -19.18 -9.96
N VAL A 435 -22.12 -18.48 -9.63
CA VAL A 435 -22.13 -17.46 -8.55
C VAL A 435 -21.65 -16.13 -9.15
N GLU A 436 -22.50 -15.12 -9.11
CA GLU A 436 -22.20 -13.86 -9.78
C GLU A 436 -21.45 -12.91 -8.83
N PHE A 437 -20.24 -13.28 -8.48
CA PHE A 437 -19.37 -12.44 -7.62
C PHE A 437 -18.99 -11.14 -8.35
N ASP A 438 -18.56 -10.14 -7.60
CA ASP A 438 -18.29 -8.80 -8.16
C ASP A 438 -16.81 -8.43 -8.08
N GLY A 439 -16.07 -9.17 -7.27
CA GLY A 439 -14.65 -8.95 -7.07
C GLY A 439 -14.02 -10.18 -6.45
N ILE A 440 -12.70 -10.15 -6.34
CA ILE A 440 -11.91 -11.33 -6.05
C ILE A 440 -10.88 -11.02 -4.98
N TRP A 441 -10.82 -11.88 -3.97
CA TRP A 441 -9.87 -11.78 -2.88
C TRP A 441 -8.85 -12.93 -3.00
N ILE A 442 -7.62 -12.60 -3.34
CA ILE A 442 -6.60 -13.63 -3.58
C ILE A 442 -5.75 -13.74 -2.31
N ASP A 443 -5.83 -14.91 -1.68
CA ASP A 443 -5.18 -15.14 -0.40
C ASP A 443 -4.05 -16.13 -0.59
N MET A 444 -3.22 -16.28 0.45
CA MET A 444 -2.22 -17.35 0.54
CA MET A 444 -2.19 -17.33 0.56
C MET A 444 -1.24 -17.38 -0.64
N ASN A 445 -0.96 -16.21 -1.22
CA ASN A 445 -0.21 -16.16 -2.46
C ASN A 445 1.28 -15.78 -2.31
N GLU A 446 1.83 -16.01 -1.11
CA GLU A 446 3.26 -15.82 -0.85
C GLU A 446 4.30 -16.60 -1.71
N VAL A 447 4.10 -17.87 -2.08
CA VAL A 447 2.92 -18.71 -1.93
C VAL A 447 3.01 -19.54 -0.64
N SER A 448 1.87 -19.72 0.01
CA SER A 448 1.81 -20.33 1.33
C SER A 448 1.50 -21.84 1.19
N ASN A 449 2.30 -22.68 1.85
CA ASN A 449 2.28 -24.15 1.72
C ASN A 449 2.23 -24.75 3.13
N PHE A 450 1.38 -25.75 3.37
CA PHE A 450 1.31 -26.30 4.74
C PHE A 450 2.48 -27.24 5.00
N VAL A 451 3.15 -27.66 3.93
CA VAL A 451 4.39 -28.43 4.06
C VAL A 451 5.59 -27.57 3.64
N ASP A 452 6.78 -27.94 4.10
CA ASP A 452 8.01 -27.25 3.73
C ASP A 452 8.54 -27.69 2.36
N GLY A 453 8.42 -26.80 1.38
CA GLY A 453 8.95 -27.06 0.06
C GLY A 453 8.00 -27.87 -0.80
N SER A 454 7.86 -29.16 -0.50
CA SER A 454 6.88 -30.01 -1.19
C SER A 454 6.54 -31.21 -0.32
N VAL A 455 5.64 -32.06 -0.80
CA VAL A 455 5.27 -33.28 -0.04
C VAL A 455 6.47 -34.23 0.18
N SER A 456 7.46 -34.18 -0.71
CA SER A 456 8.73 -34.89 -0.48
C SER A 456 9.86 -33.98 0.06
N GLY A 457 9.50 -32.82 0.60
CA GLY A 457 10.49 -31.86 1.08
C GLY A 457 11.36 -31.31 -0.05
N CYS A 458 12.56 -30.88 0.30
CA CYS A 458 13.46 -30.21 -0.63
C CYS A 458 14.85 -30.85 -0.62
N SER A 459 15.44 -31.03 -1.79
CA SER A 459 16.83 -31.50 -1.88
C SER A 459 17.80 -30.50 -1.24
N THR A 460 18.92 -31.02 -0.76
CA THR A 460 20.01 -30.21 -0.20
C THR A 460 20.82 -29.73 -1.40
N ASN A 461 20.78 -28.43 -1.65
CA ASN A 461 21.57 -27.78 -2.70
C ASN A 461 21.71 -26.25 -2.42
N ASN A 462 22.50 -25.55 -3.23
CA ASN A 462 22.78 -24.11 -3.00
C ASN A 462 21.54 -23.20 -3.05
N LEU A 463 20.46 -23.67 -3.67
CA LEU A 463 19.20 -22.91 -3.71
C LEU A 463 18.32 -23.09 -2.47
N ASN A 464 18.06 -24.35 -2.07
CA ASN A 464 17.28 -24.59 -0.86
C ASN A 464 18.07 -24.26 0.40
N ASN A 465 19.39 -24.33 0.31
CA ASN A 465 20.26 -24.18 1.48
C ASN A 465 21.41 -23.26 1.16
N PRO A 466 21.13 -21.97 0.93
CA PRO A 466 22.17 -21.08 0.43
C PRO A 466 23.29 -20.77 1.44
N PRO A 467 24.43 -20.26 0.93
CA PRO A 467 25.60 -19.87 1.74
C PRO A 467 25.23 -18.93 2.88
N PHE A 468 24.32 -17.99 2.60
CA PHE A 468 23.87 -17.01 3.57
C PHE A 468 22.34 -16.91 3.55
N THR A 469 21.71 -16.91 4.72
CA THR A 469 20.27 -16.76 4.81
C THR A 469 19.97 -15.50 5.60
N PRO A 470 19.18 -14.58 5.03
CA PRO A 470 18.85 -13.42 5.81
C PRO A 470 18.03 -13.88 7.00
N ARG A 471 17.82 -13.01 8.01
CA ARG A 471 17.17 -13.41 9.22
C ARG A 471 15.65 -13.50 9.12
N ILE A 472 15.21 -14.29 8.16
CA ILE A 472 13.80 -14.57 7.91
C ILE A 472 13.24 -15.49 9.00
N LEU A 473 11.93 -15.42 9.22
CA LEU A 473 11.30 -16.28 10.23
C LEU A 473 11.58 -17.76 9.94
N ASP A 474 11.99 -18.50 10.98
CA ASP A 474 12.33 -19.94 10.91
C ASP A 474 13.66 -20.27 10.26
N GLY A 475 14.28 -19.31 9.59
CA GLY A 475 15.65 -19.48 9.12
C GLY A 475 15.96 -20.37 7.94
N TYR A 476 14.92 -20.84 7.25
CA TYR A 476 15.14 -21.53 5.98
CA TYR A 476 15.06 -21.62 6.00
C TYR A 476 14.17 -21.01 4.93
N LEU A 477 14.66 -20.87 3.71
CA LEU A 477 13.86 -20.26 2.64
C LEU A 477 12.59 -21.02 2.27
N PHE A 478 12.64 -22.34 2.29
CA PHE A 478 11.51 -23.12 1.81
C PHE A 478 10.46 -23.39 2.89
N CYS A 479 10.63 -22.80 4.06
CA CYS A 479 9.71 -22.96 5.18
C CYS A 479 8.29 -22.46 4.84
N LYS A 480 7.33 -23.40 4.84
CA LYS A 480 5.92 -23.09 4.56
C LYS A 480 5.70 -22.45 3.16
N THR A 481 6.55 -22.83 2.21
CA THR A 481 6.41 -22.37 0.83
C THR A 481 6.92 -23.42 -0.15
N LEU A 482 7.14 -23.04 -1.41
CA LEU A 482 7.65 -23.95 -2.42
C LEU A 482 9.17 -24.12 -2.35
N CYS A 483 9.63 -25.30 -2.77
CA CYS A 483 11.06 -25.53 -2.96
C CYS A 483 11.68 -24.40 -3.79
N MET A 484 12.90 -24.02 -3.44
CA MET A 484 13.59 -22.92 -4.11
C MET A 484 14.09 -23.31 -5.49
N ASP A 485 14.14 -24.62 -5.76
CA ASP A 485 14.56 -25.07 -7.08
C ASP A 485 13.36 -25.43 -7.93
N ALA A 486 12.17 -25.15 -7.43
CA ALA A 486 10.97 -25.19 -8.26
C ALA A 486 11.13 -24.21 -9.43
N VAL A 487 10.41 -24.51 -10.51
CA VAL A 487 10.66 -23.90 -11.80
C VAL A 487 9.38 -23.31 -12.37
N GLN A 488 9.45 -22.05 -12.79
CA GLN A 488 8.32 -21.36 -13.42
C GLN A 488 8.81 -20.73 -14.73
N HIS A 489 7.90 -20.23 -15.54
CA HIS A 489 8.25 -19.55 -16.79
C HIS A 489 9.24 -18.37 -16.60
N TRP A 490 9.07 -17.56 -15.55
CA TRP A 490 10.06 -16.49 -15.24
C TRP A 490 11.36 -16.96 -14.63
N GLY A 491 11.38 -18.17 -14.07
CA GLY A 491 12.61 -18.75 -13.58
C GLY A 491 12.42 -19.59 -12.34
N LYS A 492 13.50 -19.82 -11.63
CA LYS A 492 13.47 -20.60 -10.43
C LYS A 492 12.92 -19.83 -9.24
N GLN A 493 12.24 -20.57 -8.38
CA GLN A 493 11.60 -20.04 -7.19
C GLN A 493 12.53 -19.18 -6.33
N TYR A 494 13.80 -19.58 -6.19
CA TYR A 494 14.81 -18.79 -5.48
C TYR A 494 14.86 -17.31 -5.93
N ASP A 495 14.68 -17.09 -7.23
CA ASP A 495 14.76 -15.75 -7.80
C ASP A 495 13.39 -15.10 -7.81
N ILE A 496 12.34 -15.88 -8.04
CA ILE A 496 11.04 -15.27 -8.24
C ILE A 496 10.00 -15.48 -7.14
N HIS A 497 10.39 -16.12 -6.04
CA HIS A 497 9.47 -16.32 -4.91
C HIS A 497 8.65 -15.03 -4.57
N ASN A 498 9.36 -13.92 -4.42
CA ASN A 498 8.75 -12.62 -4.06
C ASN A 498 7.81 -12.04 -5.09
N LEU A 499 7.76 -12.66 -6.27
CA LEU A 499 6.96 -12.20 -7.39
C LEU A 499 5.72 -13.03 -7.60
N TYR A 500 5.49 -14.03 -6.74
CA TYR A 500 4.37 -14.95 -6.94
C TYR A 500 3.04 -14.22 -6.85
N GLY A 501 2.79 -13.54 -5.73
CA GLY A 501 1.54 -12.84 -5.54
C GLY A 501 1.37 -11.66 -6.52
N TYR A 502 2.47 -11.04 -6.91
CA TYR A 502 2.48 -9.98 -7.91
C TYR A 502 1.95 -10.53 -9.26
N SER A 503 2.54 -11.64 -9.72
CA SER A 503 2.11 -12.33 -10.95
C SER A 503 0.68 -12.85 -10.85
N MET A 504 0.26 -13.26 -9.64
CA MET A 504 -1.11 -13.68 -9.43
C MET A 504 -2.10 -12.51 -9.58
N ALA A 505 -1.77 -11.35 -9.00
CA ALA A 505 -2.53 -10.11 -9.22
C ALA A 505 -2.62 -9.68 -10.70
N VAL A 506 -1.50 -9.75 -11.43
CA VAL A 506 -1.47 -9.46 -12.87
C VAL A 506 -2.45 -10.35 -13.65
N ALA A 507 -2.35 -11.67 -13.43
CA ALA A 507 -3.24 -12.68 -14.03
C ALA A 507 -4.68 -12.53 -13.66
N THR A 508 -4.96 -12.17 -12.41
CA THR A 508 -6.33 -11.96 -11.96
C THR A 508 -6.95 -10.68 -12.55
N ALA A 509 -6.15 -9.64 -12.68
CA ALA A 509 -6.53 -8.45 -13.44
C ALA A 509 -6.85 -8.81 -14.89
N GLU A 510 -6.00 -9.63 -15.49
CA GLU A 510 -6.18 -10.09 -16.88
C GLU A 510 -7.53 -10.83 -17.00
N ALA A 511 -7.78 -11.76 -16.07
CA ALA A 511 -9.06 -12.49 -16.00
C ALA A 511 -10.29 -11.60 -15.88
N ALA A 512 -10.16 -10.48 -15.16
CA ALA A 512 -11.25 -9.51 -15.02
C ALA A 512 -11.62 -8.78 -16.32
N LYS A 513 -10.70 -8.72 -17.30
CA LYS A 513 -11.02 -8.11 -18.61
C LYS A 513 -12.13 -8.92 -19.29
N THR A 514 -12.14 -10.23 -19.01
CA THR A 514 -13.16 -11.15 -19.55
C THR A 514 -14.38 -11.31 -18.66
N VAL A 515 -14.20 -11.46 -17.35
CA VAL A 515 -15.32 -11.75 -16.45
C VAL A 515 -16.17 -10.49 -16.22
N PHE A 516 -15.52 -9.34 -16.18
CA PHE A 516 -16.23 -8.06 -15.98
C PHE A 516 -15.84 -7.09 -17.09
N PRO A 517 -16.38 -7.30 -18.31
CA PRO A 517 -15.92 -6.55 -19.47
C PRO A 517 -16.04 -5.05 -19.25
N ASN A 518 -14.95 -4.33 -19.48
CA ASN A 518 -14.90 -2.87 -19.29
C ASN A 518 -15.03 -2.37 -17.85
N LYS A 519 -14.98 -3.26 -16.85
CA LYS A 519 -15.15 -2.81 -15.46
C LYS A 519 -13.87 -2.89 -14.66
N ARG A 520 -13.75 -2.04 -13.64
CA ARG A 520 -12.62 -2.14 -12.71
C ARG A 520 -12.71 -3.38 -11.84
N SER A 521 -13.94 -3.73 -11.43
CA SER A 521 -14.16 -4.78 -10.43
C SER A 521 -13.37 -4.40 -9.14
N PHE A 522 -12.80 -5.41 -8.48
CA PHE A 522 -12.06 -5.23 -7.23
C PHE A 522 -11.18 -6.44 -7.02
N ILE A 523 -9.89 -6.24 -6.84
CA ILE A 523 -8.96 -7.34 -6.47
C ILE A 523 -8.28 -6.94 -5.16
N LEU A 524 -8.34 -7.85 -4.18
CA LEU A 524 -7.66 -7.71 -2.89
C LEU A 524 -6.59 -8.80 -2.76
N THR A 525 -5.36 -8.40 -2.52
CA THR A 525 -4.26 -9.37 -2.48
C THR A 525 -3.50 -9.35 -1.16
N ARG A 526 -2.98 -10.50 -0.74
CA ARG A 526 -2.18 -10.54 0.48
C ARG A 526 -0.72 -10.29 0.17
N SER A 527 -0.14 -11.10 -0.68
CA SER A 527 1.23 -10.91 -1.06
C SER A 527 1.36 -9.81 -2.14
N THR A 528 2.37 -8.96 -2.00
CA THR A 528 2.68 -7.88 -2.99
C THR A 528 4.17 -7.81 -3.31
N PHE A 529 4.50 -7.21 -4.46
CA PHE A 529 5.81 -6.74 -4.83
C PHE A 529 5.61 -5.29 -5.26
N ALA A 530 6.69 -4.55 -5.46
CA ALA A 530 6.64 -3.15 -5.95
C ALA A 530 5.85 -3.11 -7.22
N GLY A 531 4.78 -2.33 -7.23
CA GLY A 531 3.96 -2.21 -8.42
C GLY A 531 2.64 -2.96 -8.34
N SER A 532 2.44 -3.81 -7.31
CA SER A 532 1.15 -4.50 -7.12
C SER A 532 -0.09 -3.59 -7.04
N GLY A 533 0.08 -2.36 -6.54
CA GLY A 533 -1.05 -1.38 -6.52
C GLY A 533 -1.70 -1.02 -7.85
N LYS A 534 -0.99 -1.23 -8.96
CA LYS A 534 -1.59 -1.07 -10.30
C LYS A 534 -2.75 -2.04 -10.53
N PHE A 535 -2.74 -3.16 -9.81
CA PHE A 535 -3.69 -4.25 -10.02
C PHE A 535 -4.59 -4.52 -8.82
N ALA A 536 -4.16 -4.18 -7.59
CA ALA A 536 -4.89 -4.66 -6.43
C ALA A 536 -4.83 -3.76 -5.19
N ALA A 537 -5.85 -3.88 -4.37
CA ALA A 537 -5.79 -3.45 -2.96
C ALA A 537 -5.08 -4.47 -2.08
N HIS A 538 -4.81 -4.12 -0.81
CA HIS A 538 -4.05 -4.95 0.11
C HIS A 538 -4.69 -4.87 1.48
N TRP A 539 -4.63 -5.95 2.25
CA TRP A 539 -5.02 -5.82 3.66
C TRP A 539 -3.86 -6.29 4.48
N LEU A 540 -3.78 -5.83 5.73
CA LEU A 540 -2.52 -6.00 6.44
C LEU A 540 -2.33 -7.39 7.06
N GLY A 541 -3.27 -8.29 6.83
CA GLY A 541 -3.09 -9.68 7.22
C GLY A 541 -3.74 -10.05 8.54
N ASP A 542 -3.27 -11.15 9.11
CA ASP A 542 -3.91 -11.77 10.27
C ASP A 542 -3.39 -11.14 11.54
N ASN A 543 -3.96 -9.98 11.87
CA ASN A 543 -3.68 -9.28 13.09
C ASN A 543 -4.50 -9.89 14.24
N THR A 544 -4.45 -9.21 15.38
CA THR A 544 -5.02 -9.69 16.64
C THR A 544 -5.81 -8.56 17.27
N ALA A 545 -6.83 -8.93 18.03
CA ALA A 545 -7.69 -7.96 18.70
C ALA A 545 -6.98 -7.47 19.98
N THR A 546 -5.94 -6.67 19.82
CA THR A 546 -5.25 -6.06 20.96
C THR A 546 -5.09 -4.60 20.64
N TRP A 547 -4.85 -3.81 21.66
CA TRP A 547 -4.66 -2.37 21.52
C TRP A 547 -3.33 -2.07 20.81
N ASP A 548 -2.33 -2.95 20.98
CA ASP A 548 -1.07 -2.85 20.24
C ASP A 548 -1.33 -2.93 18.72
N ASP A 549 -2.14 -3.91 18.30
CA ASP A 549 -2.46 -4.05 16.88
C ASP A 549 -3.19 -2.84 16.31
N LEU A 550 -4.08 -2.23 17.09
CA LEU A 550 -4.78 -1.04 16.67
C LEU A 550 -3.79 0.08 16.35
N ARG A 551 -2.86 0.31 17.29
CA ARG A 551 -1.82 1.32 17.11
C ARG A 551 -0.91 1.05 15.90
N TRP A 552 -0.48 -0.20 15.72
CA TRP A 552 0.46 -0.59 14.68
C TRP A 552 -0.11 -0.50 13.26
N SER A 553 -1.43 -0.42 13.17
CA SER A 553 -2.14 -0.36 11.89
C SER A 553 -1.88 0.96 11.16
N ILE A 554 -1.73 2.06 11.91
CA ILE A 554 -1.54 3.35 11.25
C ILE A 554 -0.23 3.42 10.45
N PRO A 555 0.95 3.14 11.06
CA PRO A 555 2.12 3.06 10.13
C PRO A 555 1.98 2.08 8.94
N GLY A 556 1.31 0.95 9.14
CA GLY A 556 1.11 -0.03 8.05
C GLY A 556 0.36 0.57 6.85
N VAL A 557 -0.73 1.27 7.12
CA VAL A 557 -1.49 1.96 6.10
C VAL A 557 -0.64 3.08 5.44
N LEU A 558 0.07 3.88 6.25
CA LEU A 558 0.88 4.97 5.69
C LEU A 558 1.95 4.46 4.76
N GLU A 559 2.64 3.40 5.17
CA GLU A 559 3.67 2.80 4.36
C GLU A 559 3.13 2.27 3.02
N PHE A 560 1.97 1.61 3.04
CA PHE A 560 1.43 1.11 1.77
C PHE A 560 0.97 2.23 0.84
N ASN A 561 0.61 3.36 1.42
CA ASN A 561 0.41 4.55 0.59
C ASN A 561 1.70 5.04 -0.10
N LEU A 562 2.85 5.00 0.59
CA LEU A 562 4.16 5.24 -0.06
C LEU A 562 4.40 4.28 -1.21
N PHE A 563 3.99 3.02 -1.00
CA PHE A 563 4.22 1.94 -1.96
C PHE A 563 3.31 1.90 -3.18
N GLY A 564 2.38 2.84 -3.28
CA GLY A 564 1.45 2.88 -4.41
C GLY A 564 0.28 1.93 -4.29
N ILE A 565 -0.03 1.52 -3.06
CA ILE A 565 -1.18 0.65 -2.74
C ILE A 565 -2.05 1.39 -1.75
N PRO A 566 -2.70 2.48 -2.21
CA PRO A 566 -3.42 3.33 -1.29
C PRO A 566 -4.63 2.69 -0.65
N MET A 567 -5.31 1.78 -1.36
CA MET A 567 -6.42 1.05 -0.78
C MET A 567 -5.87 -0.10 0.05
N VAL A 568 -5.66 0.19 1.34
CA VAL A 568 -5.01 -0.72 2.29
C VAL A 568 -5.69 -0.50 3.64
N GLY A 569 -5.82 -1.56 4.43
CA GLY A 569 -6.39 -1.44 5.77
C GLY A 569 -6.12 -2.76 6.48
N PRO A 570 -6.25 -2.82 7.82
CA PRO A 570 -6.13 -4.12 8.48
C PRO A 570 -7.53 -4.76 8.58
N ASP A 571 -7.61 -5.91 9.24
CA ASP A 571 -8.90 -6.44 9.69
C ASP A 571 -9.37 -5.60 10.87
N ILE A 572 -10.38 -4.74 10.67
CA ILE A 572 -10.93 -3.93 11.76
C ILE A 572 -11.46 -4.82 12.87
N CYS A 573 -11.12 -4.43 14.11
CA CYS A 573 -11.47 -5.10 15.36
C CYS A 573 -10.55 -6.28 15.68
N GLY A 574 -9.79 -6.74 14.70
CA GLY A 574 -8.78 -7.78 14.91
C GLY A 574 -9.19 -9.17 14.47
N PHE A 575 -8.35 -9.81 13.68
CA PHE A 575 -8.71 -11.08 13.07
C PHE A 575 -8.70 -12.17 14.18
N ALA A 576 -7.54 -12.39 14.80
CA ALA A 576 -7.37 -13.43 15.84
C ALA A 576 -7.95 -12.91 17.15
N LEU A 577 -8.65 -13.78 17.89
CA LEU A 577 -9.18 -13.46 19.24
C LEU A 577 -10.55 -12.84 19.24
N ASP A 578 -11.26 -13.04 20.35
CA ASP A 578 -12.51 -12.36 20.61
C ASP A 578 -12.15 -10.92 20.85
N THR A 579 -12.93 -9.99 20.30
CA THR A 579 -12.60 -8.59 20.48
C THR A 579 -13.33 -7.99 21.66
N PRO A 580 -12.63 -7.22 22.52
CA PRO A 580 -13.34 -6.48 23.56
C PRO A 580 -14.22 -5.38 22.94
N GLU A 581 -15.34 -5.05 23.57
CA GLU A 581 -16.23 -4.01 23.04
C GLU A 581 -15.55 -2.65 22.88
N GLU A 582 -14.74 -2.28 23.86
CA GLU A 582 -14.12 -0.98 23.84
C GLU A 582 -13.08 -0.89 22.73
N LEU A 583 -12.25 -1.92 22.56
CA LEU A 583 -11.31 -1.98 21.45
C LEU A 583 -12.07 -1.95 20.10
N CYS A 584 -13.07 -2.80 19.94
CA CYS A 584 -13.80 -2.81 18.67
C CYS A 584 -14.53 -1.49 18.35
N ARG A 585 -15.05 -0.80 19.36
CA ARG A 585 -15.66 0.50 19.17
C ARG A 585 -14.64 1.55 18.70
N ARG A 586 -13.50 1.63 19.38
CA ARG A 586 -12.40 2.52 18.97
C ARG A 586 -11.85 2.21 17.57
N TRP A 587 -11.77 0.92 17.27
CA TRP A 587 -11.28 0.43 16.01
C TRP A 587 -12.25 0.69 14.88
N MET A 588 -13.56 0.58 15.14
CA MET A 588 -14.57 0.91 14.14
C MET A 588 -14.58 2.41 13.84
N GLN A 589 -14.30 3.23 14.86
CA GLN A 589 -14.17 4.70 14.71
C GLN A 589 -13.02 5.06 13.79
N LEU A 590 -11.85 4.46 14.03
CA LEU A 590 -10.71 4.67 13.17
C LEU A 590 -10.94 4.01 11.81
N GLY A 591 -11.56 2.84 11.83
CA GLY A 591 -11.73 2.02 10.63
C GLY A 591 -12.57 2.65 9.58
N ALA A 592 -13.51 3.50 10.01
CA ALA A 592 -14.31 4.29 9.11
C ALA A 592 -13.41 5.14 8.19
N PHE A 593 -12.16 5.36 8.59
CA PHE A 593 -11.24 6.25 7.87
C PHE A 593 -10.01 5.58 7.28
N TYR A 594 -9.91 4.25 7.37
CA TYR A 594 -8.91 3.54 6.58
C TYR A 594 -9.36 3.59 5.10
N PRO A 595 -8.41 3.77 4.16
CA PRO A 595 -8.79 3.73 2.73
C PRO A 595 -9.50 2.48 2.30
N PHE A 596 -9.00 1.29 2.69
CA PHE A 596 -9.77 0.04 2.69
C PHE A 596 -10.38 -0.19 4.08
N SER A 597 -11.72 -0.25 4.17
CA SER A 597 -12.41 -0.39 5.45
C SER A 597 -13.17 -1.72 5.49
N ARG A 598 -12.59 -2.72 6.15
CA ARG A 598 -13.17 -4.07 6.23
C ARG A 598 -13.06 -4.62 7.65
N ASN A 599 -14.19 -5.04 8.18
CA ASN A 599 -14.27 -5.78 9.43
C ASN A 599 -14.23 -7.24 9.05
N HIS A 600 -13.15 -7.91 9.46
CA HIS A 600 -12.90 -9.32 9.16
C HIS A 600 -12.53 -10.00 10.48
N ASN A 601 -12.89 -11.26 10.65
CA ASN A 601 -12.72 -11.95 11.94
C ASN A 601 -12.28 -13.35 11.65
N GLY A 602 -11.48 -13.92 12.55
CA GLY A 602 -10.93 -15.27 12.35
C GLY A 602 -11.93 -16.36 12.66
N GLN A 603 -11.51 -17.61 12.49
CA GLN A 603 -12.39 -18.76 12.69
C GLN A 603 -12.62 -18.97 14.18
N GLY A 604 -13.88 -19.12 14.55
CA GLY A 604 -14.26 -19.62 15.88
C GLY A 604 -14.43 -18.55 16.92
N TYR A 605 -13.94 -17.34 16.64
CA TYR A 605 -14.03 -16.25 17.63
C TYR A 605 -15.45 -15.67 17.66
N LYS A 606 -15.77 -14.94 18.73
CA LYS A 606 -17.10 -14.42 18.84
C LYS A 606 -17.35 -13.35 17.77
N ASP A 607 -18.60 -13.23 17.34
CA ASP A 607 -19.00 -12.25 16.35
C ASP A 607 -18.42 -10.89 16.63
N GLN A 608 -18.00 -10.19 15.58
CA GLN A 608 -17.57 -8.78 15.76
C GLN A 608 -18.09 -7.80 14.69
N ASP A 609 -19.07 -8.25 13.91
CA ASP A 609 -19.77 -7.36 13.02
C ASP A 609 -20.47 -6.34 13.89
N PRO A 610 -20.56 -5.07 13.42
CA PRO A 610 -21.12 -4.00 14.25
C PRO A 610 -22.47 -4.29 14.92
N ALA A 611 -23.41 -4.89 14.20
CA ALA A 611 -24.75 -5.08 14.75
C ALA A 611 -24.82 -6.21 15.77
N SER A 612 -23.82 -7.10 15.79
CA SER A 612 -23.73 -8.16 16.79
C SER A 612 -23.58 -7.66 18.23
N PHE A 613 -23.22 -6.37 18.39
CA PHE A 613 -23.04 -5.80 19.70
C PHE A 613 -24.34 -5.27 20.25
N GLY A 614 -25.40 -5.32 19.44
CA GLY A 614 -26.69 -4.84 19.90
C GLY A 614 -27.29 -3.71 19.11
N ALA A 615 -28.56 -3.88 18.73
CA ALA A 615 -29.33 -2.91 17.93
C ALA A 615 -29.28 -1.48 18.46
N ASP A 616 -29.11 -1.33 19.77
CA ASP A 616 -28.94 0.02 20.31
C ASP A 616 -27.70 0.23 21.17
N SER A 617 -26.66 -0.52 20.85
CA SER A 617 -25.39 -0.42 21.56
C SER A 617 -24.70 0.85 21.13
N LEU A 618 -23.81 1.35 21.99
CA LEU A 618 -22.96 2.48 21.69
C LEU A 618 -22.05 2.19 20.48
N LEU A 619 -21.54 0.96 20.38
CA LEU A 619 -20.66 0.58 19.28
C LEU A 619 -21.38 0.71 17.93
N LEU A 620 -22.58 0.12 17.84
CA LEU A 620 -23.35 0.19 16.62
C LEU A 620 -23.70 1.63 16.25
N ASN A 621 -24.18 2.43 17.21
CA ASN A 621 -24.54 3.84 16.97
C ASN A 621 -23.34 4.66 16.49
N SER A 622 -22.19 4.45 17.11
CA SER A 622 -20.96 5.14 16.77
C SER A 622 -20.43 4.72 15.43
N SER A 623 -20.48 3.42 15.15
CA SER A 623 -20.08 2.83 13.88
C SER A 623 -20.89 3.39 12.75
N ARG A 624 -22.22 3.34 12.87
CA ARG A 624 -23.09 3.95 11.88
C ARG A 624 -22.78 5.43 11.70
N HIS A 625 -22.60 6.15 12.80
CA HIS A 625 -22.31 7.58 12.75
C HIS A 625 -21.09 7.90 11.89
N TYR A 626 -19.98 7.20 12.16
CA TYR A 626 -18.71 7.50 11.51
C TYR A 626 -18.65 6.93 10.11
N LEU A 627 -19.33 5.82 9.92
CA LEU A 627 -19.47 5.28 8.56
C LEU A 627 -20.31 6.22 7.71
N ASN A 628 -21.30 6.90 8.29
CA ASN A 628 -22.04 7.88 7.53
C ASN A 628 -21.22 9.09 7.13
N ILE A 629 -20.27 9.47 8.00
CA ILE A 629 -19.34 10.56 7.67
C ILE A 629 -18.41 10.12 6.57
N ARG A 630 -17.86 8.90 6.66
CA ARG A 630 -17.03 8.38 5.63
C ARG A 630 -17.76 8.40 4.29
N TYR A 631 -19.02 7.91 4.28
CA TYR A 631 -19.79 7.93 3.05
C TYR A 631 -20.09 9.36 2.56
N THR A 632 -20.32 10.30 3.48
CA THR A 632 -20.59 11.69 3.10
C THR A 632 -19.37 12.28 2.38
N LEU A 633 -18.18 11.80 2.73
CA LEU A 633 -16.94 12.35 2.25
C LEU A 633 -16.39 11.50 1.10
N LEU A 634 -17.17 10.56 0.59
CA LEU A 634 -16.65 9.70 -0.49
C LEU A 634 -16.24 10.45 -1.76
N PRO A 635 -16.97 11.52 -2.17
CA PRO A 635 -16.48 12.32 -3.29
C PRO A 635 -15.07 12.89 -3.12
N TYR A 636 -14.73 13.31 -1.91
CA TYR A 636 -13.37 13.78 -1.57
C TYR A 636 -12.37 12.62 -1.59
N LEU A 637 -12.73 11.51 -0.95
CA LEU A 637 -11.86 10.31 -0.98
C LEU A 637 -11.64 9.80 -2.42
N TYR A 638 -12.72 9.72 -3.20
CA TYR A 638 -12.61 9.25 -4.60
C TYR A 638 -11.71 10.12 -5.43
N THR A 639 -11.82 11.44 -5.25
CA THR A 639 -10.94 12.39 -5.92
C THR A 639 -9.46 12.21 -5.51
N LEU A 640 -9.20 11.96 -4.23
CA LEU A 640 -7.86 11.56 -3.80
C LEU A 640 -7.34 10.32 -4.53
N PHE A 641 -8.19 9.30 -4.67
CA PHE A 641 -7.79 8.12 -5.46
C PHE A 641 -7.55 8.43 -6.93
N PHE A 642 -8.33 9.35 -7.50
CA PHE A 642 -8.09 9.87 -8.84
C PHE A 642 -6.70 10.49 -8.92
N ARG A 643 -6.35 11.29 -7.93
CA ARG A 643 -5.01 11.94 -7.91
C ARG A 643 -3.89 10.89 -7.71
N ALA A 644 -4.14 9.86 -6.89
CA ALA A 644 -3.18 8.74 -6.73
C ALA A 644 -2.95 8.03 -8.05
N HIS A 645 -4.06 7.73 -8.73
CA HIS A 645 -4.02 7.05 -9.99
C HIS A 645 -3.39 7.89 -11.13
N SER A 646 -3.72 9.19 -11.21
CA SER A 646 -3.30 10.03 -12.34
C SER A 646 -1.98 10.74 -12.08
N ARG A 647 -1.68 11.05 -10.82
CA ARG A 647 -0.55 11.90 -10.51
C ARG A 647 0.43 11.20 -9.56
N GLY A 648 -0.08 10.26 -8.77
CA GLY A 648 0.73 9.51 -7.85
C GLY A 648 0.76 10.04 -6.42
N ASP A 649 -0.16 10.93 -6.03
CA ASP A 649 -0.30 11.40 -4.64
C ASP A 649 -0.67 10.25 -3.70
N THR A 650 -0.31 10.34 -2.42
CA THR A 650 -0.85 9.40 -1.41
C THR A 650 -2.33 9.72 -1.12
N VAL A 651 -3.03 8.77 -0.51
CA VAL A 651 -4.39 8.99 -0.08
C VAL A 651 -4.45 9.12 1.46
N ALA A 652 -4.08 8.07 2.21
CA ALA A 652 -3.82 8.24 3.64
C ALA A 652 -2.38 8.77 3.70
N ARG A 653 -2.23 9.91 4.36
CA ARG A 653 -1.05 10.73 4.20
C ARG A 653 -0.51 11.06 5.60
N PRO A 654 0.82 10.90 5.82
CA PRO A 654 1.38 11.33 7.11
C PRO A 654 1.30 12.87 7.26
N LEU A 655 1.16 13.35 8.49
CA LEU A 655 1.18 14.80 8.73
C LEU A 655 2.42 15.43 8.12
N LEU A 656 3.52 14.70 8.09
CA LEU A 656 4.81 15.28 7.70
C LEU A 656 4.83 15.63 6.20
N HIS A 657 3.95 15.00 5.40
CA HIS A 657 3.93 15.27 3.99
C HIS A 657 3.33 16.65 3.70
N GLU A 658 2.44 17.10 4.56
CA GLU A 658 1.88 18.46 4.44
C GLU A 658 2.61 19.44 5.36
N PHE A 659 3.18 18.94 6.43
CA PHE A 659 3.69 19.84 7.49
C PHE A 659 5.16 19.66 7.82
N TYR A 660 5.93 19.28 6.81
CA TYR A 660 7.37 18.98 6.94
C TYR A 660 8.22 20.18 7.49
N GLU A 661 7.76 21.41 7.32
CA GLU A 661 8.46 22.58 7.87
C GLU A 661 8.50 22.51 9.38
N ASP A 662 7.58 21.74 9.95
CA ASP A 662 7.43 21.61 11.39
C ASP A 662 7.99 20.26 11.86
N ASN A 663 9.17 20.28 12.49
CA ASN A 663 9.82 19.03 12.91
C ASN A 663 9.07 18.22 13.96
N SER A 664 8.06 18.81 14.61
CA SER A 664 7.21 18.04 15.51
C SER A 664 6.26 17.04 14.81
N THR A 665 6.13 17.15 13.48
CA THR A 665 5.32 16.19 12.70
C THR A 665 6.08 14.95 12.21
N TRP A 666 7.41 15.02 12.27
CA TRP A 666 8.30 14.04 11.63
C TRP A 666 8.18 12.62 12.16
N ASP A 667 7.79 12.50 13.41
CA ASP A 667 7.58 11.19 14.01
C ASP A 667 6.13 10.90 14.43
N VAL A 668 5.18 11.77 14.07
CA VAL A 668 3.76 11.50 14.34
C VAL A 668 3.25 10.31 13.51
N HIS A 669 2.72 9.31 14.23
CA HIS A 669 2.18 8.08 13.63
C HIS A 669 0.85 7.64 14.26
N GLN A 670 0.32 8.40 15.19
CA GLN A 670 -0.93 8.03 15.84
C GLN A 670 -2.07 8.86 15.27
N GLN A 671 -1.73 9.70 14.28
CA GLN A 671 -2.67 10.53 13.53
C GLN A 671 -2.31 10.41 12.06
N PHE A 672 -3.26 10.76 11.21
CA PHE A 672 -2.98 10.87 9.78
C PHE A 672 -3.98 11.77 9.08
N LEU A 673 -3.74 11.99 7.80
CA LEU A 673 -4.59 12.82 6.98
C LEU A 673 -5.23 11.99 5.89
N TRP A 674 -6.42 12.39 5.49
CA TRP A 674 -6.95 12.04 4.16
C TRP A 674 -6.50 13.15 3.21
N GLY A 675 -5.53 12.89 2.36
CA GLY A 675 -5.09 13.93 1.41
C GLY A 675 -4.53 15.11 2.21
N PRO A 676 -4.67 16.35 1.68
CA PRO A 676 -4.14 17.53 2.37
C PRO A 676 -5.01 18.06 3.53
N GLY A 677 -6.31 17.73 3.53
CA GLY A 677 -7.27 18.52 4.28
C GLY A 677 -7.95 17.98 5.50
N LEU A 678 -7.83 16.69 5.78
CA LEU A 678 -8.66 16.09 6.83
C LEU A 678 -7.75 15.35 7.81
N LEU A 679 -7.79 15.80 9.05
CA LEU A 679 -6.94 15.29 10.09
C LEU A 679 -7.74 14.34 10.95
N ILE A 680 -7.24 13.12 11.11
CA ILE A 680 -7.94 12.07 11.85
C ILE A 680 -7.13 11.76 13.10
N THR A 681 -7.80 11.81 14.24
CA THR A 681 -7.13 11.71 15.54
C THR A 681 -7.87 10.67 16.38
N PRO A 682 -7.46 9.40 16.26
CA PRO A 682 -8.16 8.42 17.05
C PRO A 682 -7.70 8.36 18.49
N VAL A 683 -8.58 7.91 19.38
CA VAL A 683 -8.20 7.41 20.70
C VAL A 683 -7.73 5.99 20.47
N LEU A 684 -6.51 5.70 20.95
CA LEU A 684 -5.80 4.44 20.71
C LEU A 684 -5.33 3.75 22.00
N ASP A 685 -5.81 4.24 23.15
CA ASP A 685 -5.41 3.66 24.46
C ASP A 685 -6.60 3.11 25.22
N GLU A 686 -6.45 1.88 25.74
CA GLU A 686 -7.50 1.24 26.54
C GLU A 686 -7.89 2.09 27.73
N GLY A 687 -9.17 2.38 27.87
CA GLY A 687 -9.68 3.17 28.99
C GLY A 687 -9.69 4.66 28.75
N ALA A 688 -9.05 5.12 27.68
CA ALA A 688 -8.88 6.55 27.47
C ALA A 688 -10.09 7.24 26.86
N GLU A 689 -10.29 8.48 27.27
CA GLU A 689 -11.34 9.34 26.76
C GLU A 689 -10.73 10.65 26.28
N LYS A 690 -9.44 10.55 25.95
CA LYS A 690 -8.62 11.64 25.49
C LYS A 690 -7.48 11.03 24.67
N VAL A 691 -6.90 11.85 23.80
CA VAL A 691 -5.64 11.46 23.17
C VAL A 691 -4.71 12.65 23.18
N MET A 692 -3.42 12.41 23.45
CA MET A 692 -2.41 13.43 23.22
C MET A 692 -2.15 13.43 21.71
N ALA A 693 -2.34 14.59 21.10
CA ALA A 693 -2.37 14.72 19.68
C ALA A 693 -1.55 15.92 19.32
N TYR A 694 -1.08 15.96 18.09
CA TYR A 694 -0.45 17.14 17.55
C TYR A 694 -1.38 17.85 16.59
N VAL A 695 -1.47 19.17 16.75
CA VAL A 695 -2.25 20.02 15.91
C VAL A 695 -1.24 20.82 15.12
N PRO A 696 -1.11 20.53 13.82
CA PRO A 696 -0.16 21.20 12.94
C PRO A 696 -0.43 22.70 12.76
N ASP A 697 0.53 23.37 12.16
CA ASP A 697 0.47 24.81 11.94
C ASP A 697 -0.49 25.19 10.80
N ALA A 698 -1.78 25.17 11.10
CA ALA A 698 -2.79 25.57 10.16
C ALA A 698 -4.02 25.93 10.95
N VAL A 699 -4.98 26.55 10.29
CA VAL A 699 -6.31 26.70 10.85
C VAL A 699 -7.02 25.36 10.77
N TRP A 700 -7.62 24.93 11.88
CA TRP A 700 -8.41 23.69 11.93
C TRP A 700 -9.82 23.95 12.43
N TYR A 701 -10.79 23.25 11.81
CA TYR A 701 -12.19 23.28 12.26
C TYR A 701 -12.66 21.87 12.60
N ASP A 702 -13.39 21.76 13.71
CA ASP A 702 -14.07 20.54 14.09
C ASP A 702 -15.07 20.13 13.01
N TYR A 703 -15.01 18.88 12.56
CA TYR A 703 -15.82 18.47 11.39
C TYR A 703 -17.32 18.62 11.67
N GLU A 704 -17.73 18.14 12.84
CA GLU A 704 -19.13 18.07 13.18
C GLU A 704 -19.79 19.41 13.51
N THR A 705 -19.16 20.22 14.37
CA THR A 705 -19.70 21.53 14.73
C THR A 705 -19.30 22.63 13.79
N GLY A 706 -18.13 22.50 13.16
CA GLY A 706 -17.64 23.52 12.25
C GLY A 706 -16.86 24.63 12.95
N SER A 707 -16.73 24.57 14.26
CA SER A 707 -16.08 25.67 14.94
C SER A 707 -14.55 25.57 14.92
N GLN A 708 -13.91 26.73 14.86
CA GLN A 708 -12.46 26.78 14.78
C GLN A 708 -11.86 26.46 16.12
N VAL A 709 -10.89 25.54 16.15
CA VAL A 709 -10.20 25.20 17.39
C VAL A 709 -9.20 26.32 17.74
N ARG A 710 -8.90 26.50 19.03
CA ARG A 710 -7.90 27.52 19.39
C ARG A 710 -6.48 27.05 19.08
N TRP A 711 -6.29 25.73 19.15
CA TRP A 711 -5.00 25.07 18.91
C TRP A 711 -4.36 25.39 17.55
N ARG A 712 -3.03 25.53 17.56
CA ARG A 712 -2.25 25.68 16.33
C ARG A 712 -0.79 25.41 16.63
N LYS A 713 -0.22 24.42 15.91
CA LYS A 713 1.21 24.09 16.00
C LYS A 713 1.66 23.77 17.42
N GLN A 714 0.95 22.83 18.03
CA GLN A 714 1.16 22.49 19.43
C GLN A 714 0.59 21.11 19.74
N LYS A 715 1.14 20.49 20.79
CA LYS A 715 0.62 19.27 21.34
C LYS A 715 -0.59 19.59 22.17
N VAL A 716 -1.63 18.78 22.08
CA VAL A 716 -2.85 19.01 22.81
C VAL A 716 -3.38 17.72 23.41
N GLU A 717 -4.18 17.84 24.47
CA GLU A 717 -4.93 16.73 25.02
C GLU A 717 -6.34 16.91 24.48
N MET A 718 -6.67 16.11 23.47
CA MET A 718 -7.93 16.24 22.76
C MET A 718 -8.94 15.39 23.47
N GLU A 719 -10.04 16.01 23.86
CA GLU A 719 -11.05 15.33 24.67
C GLU A 719 -11.95 14.53 23.72
N LEU A 720 -11.91 13.21 23.84
CA LEU A 720 -12.67 12.34 22.94
C LEU A 720 -13.35 11.20 23.70
N PRO A 721 -14.62 11.42 24.08
CA PRO A 721 -15.42 10.43 24.80
C PRO A 721 -15.64 9.17 23.97
N GLY A 722 -16.35 8.20 24.55
CA GLY A 722 -16.46 6.86 23.98
C GLY A 722 -17.07 6.80 22.58
N ASP A 723 -17.83 7.84 22.23
CA ASP A 723 -18.51 7.88 20.95
C ASP A 723 -17.83 8.82 19.97
N LYS A 724 -16.61 9.28 20.27
CA LYS A 724 -15.94 10.29 19.45
C LYS A 724 -14.55 9.90 18.92
N ILE A 725 -14.29 10.23 17.66
CA ILE A 725 -12.96 10.28 17.07
C ILE A 725 -12.73 11.73 16.64
N GLY A 726 -11.49 12.21 16.76
CA GLY A 726 -11.14 13.53 16.29
C GLY A 726 -11.16 13.60 14.78
N LEU A 727 -11.87 14.58 14.23
CA LEU A 727 -11.86 14.86 12.81
C LEU A 727 -11.85 16.36 12.59
N HIS A 728 -10.81 16.86 11.93
CA HIS A 728 -10.69 18.30 11.70
C HIS A 728 -10.41 18.62 10.27
N LEU A 729 -11.01 19.71 9.82
CA LEU A 729 -10.79 20.19 8.47
C LEU A 729 -9.83 21.35 8.43
N ARG A 730 -8.93 21.32 7.47
CA ARG A 730 -7.86 22.30 7.35
C ARG A 730 -8.36 23.52 6.62
N GLY A 731 -8.13 24.71 7.21
CA GLY A 731 -8.42 25.99 6.53
C GLY A 731 -7.61 26.11 5.25
N GLY A 732 -8.26 26.58 4.20
CA GLY A 732 -7.69 26.68 2.88
C GLY A 732 -8.20 25.64 1.90
N TYR A 733 -9.08 24.76 2.36
CA TYR A 733 -9.54 23.64 1.55
C TYR A 733 -11.04 23.55 1.45
N ILE A 734 -11.51 23.15 0.28
CA ILE A 734 -12.94 22.94 0.01
C ILE A 734 -13.18 21.44 -0.22
N PHE A 735 -14.13 20.88 0.51
CA PHE A 735 -14.38 19.45 0.52
C PHE A 735 -15.72 19.14 -0.15
N PRO A 736 -15.70 18.38 -1.27
CA PRO A 736 -16.99 18.02 -1.86
C PRO A 736 -17.61 16.84 -1.12
N THR A 737 -18.93 16.92 -0.87
CA THR A 737 -19.64 15.84 -0.15
C THR A 737 -20.91 15.35 -0.90
N GLN A 738 -21.44 14.20 -0.54
CA GLN A 738 -22.69 13.73 -1.12
C GLN A 738 -23.49 13.12 -0.01
N GLN A 739 -24.74 13.55 0.15
N GLN A 739 -24.77 13.53 0.12
CA GLN A 739 -25.56 13.06 1.24
CA GLN A 739 -25.67 13.01 1.17
C GLN A 739 -25.51 11.52 1.25
C GLN A 739 -25.51 11.49 1.22
N PRO A 740 -25.25 10.93 2.42
CA PRO A 740 -24.99 9.49 2.51
C PRO A 740 -26.27 8.61 2.35
N ASN A 741 -26.06 7.33 2.07
CA ASN A 741 -27.12 6.33 2.18
C ASN A 741 -26.34 5.05 2.56
N THR A 742 -27.00 3.91 2.59
CA THR A 742 -26.37 2.69 3.11
C THR A 742 -25.61 1.88 2.05
N THR A 743 -25.72 2.28 0.78
CA THR A 743 -24.91 1.73 -0.32
C THR A 743 -24.46 2.87 -1.20
N THR A 744 -23.30 2.71 -1.83
CA THR A 744 -22.83 3.72 -2.77
C THR A 744 -23.69 3.73 -4.04
N LEU A 745 -24.33 2.61 -4.38
CA LEU A 745 -25.29 2.60 -5.51
C LEU A 745 -26.35 3.70 -5.33
N ALA A 746 -26.87 3.77 -4.11
CA ALA A 746 -27.88 4.73 -3.75
C ALA A 746 -27.26 6.09 -3.43
N SER A 747 -26.17 6.12 -2.66
CA SER A 747 -25.57 7.39 -2.26
C SER A 747 -25.18 8.25 -3.46
N ARG A 748 -24.68 7.61 -4.52
CA ARG A 748 -24.26 8.35 -5.73
C ARG A 748 -25.35 9.14 -6.44
N LYS A 749 -26.61 8.91 -6.06
CA LYS A 749 -27.77 9.57 -6.66
C LYS A 749 -28.18 10.77 -5.85
N ASN A 750 -27.50 11.03 -4.74
CA ASN A 750 -27.97 12.04 -3.82
C ASN A 750 -27.41 13.41 -4.15
N PRO A 751 -28.03 14.44 -3.57
CA PRO A 751 -27.48 15.80 -3.72
C PRO A 751 -26.05 15.88 -3.20
N LEU A 752 -25.31 16.81 -3.75
CA LEU A 752 -23.95 17.06 -3.28
C LEU A 752 -23.89 18.30 -2.39
N GLY A 753 -22.75 18.51 -1.74
CA GLY A 753 -22.57 19.67 -0.87
C GLY A 753 -21.12 20.14 -0.97
N LEU A 754 -20.84 21.34 -0.49
CA LEU A 754 -19.45 21.76 -0.35
C LEU A 754 -19.22 22.21 1.07
N ILE A 755 -18.11 21.80 1.66
CA ILE A 755 -17.68 22.36 2.92
C ILE A 755 -16.48 23.25 2.62
N ILE A 756 -16.63 24.57 2.79
CA ILE A 756 -15.54 25.52 2.57
C ILE A 756 -14.88 25.87 3.91
N ALA A 757 -13.67 25.35 4.14
CA ALA A 757 -12.92 25.70 5.36
C ALA A 757 -11.92 26.83 5.00
N LEU A 758 -12.27 28.07 5.37
CA LEU A 758 -11.45 29.27 5.10
C LEU A 758 -10.11 29.32 5.86
N ASP A 759 -9.05 29.70 5.15
CA ASP A 759 -7.75 29.96 5.80
C ASP A 759 -7.71 31.38 6.39
N GLU A 760 -6.56 31.76 6.95
CA GLU A 760 -6.36 33.07 7.55
C GLU A 760 -6.77 34.26 6.66
N ASN A 761 -6.58 34.13 5.36
CA ASN A 761 -6.93 35.17 4.39
C ASN A 761 -8.34 35.06 3.86
N LYS A 762 -9.16 34.20 4.47
CA LYS A 762 -10.53 33.90 4.00
C LYS A 762 -10.58 33.38 2.55
N GLU A 763 -9.61 32.53 2.22
CA GLU A 763 -9.57 31.82 0.94
C GLU A 763 -9.55 30.29 1.18
N ALA A 764 -9.90 29.56 0.13
CA ALA A 764 -9.91 28.11 0.11
C ALA A 764 -9.96 27.66 -1.33
N LYS A 765 -9.48 26.45 -1.59
CA LYS A 765 -9.49 25.84 -2.90
C LYS A 765 -9.82 24.35 -2.75
N GLY A 766 -10.35 23.74 -3.80
CA GLY A 766 -10.61 22.33 -3.75
C GLY A 766 -10.97 21.85 -5.14
N GLU A 767 -11.34 20.60 -5.23
CA GLU A 767 -11.60 20.01 -6.55
C GLU A 767 -12.51 18.83 -6.41
N LEU A 768 -13.10 18.43 -7.52
CA LEU A 768 -13.96 17.27 -7.58
C LEU A 768 -13.79 16.58 -8.93
N PHE A 769 -13.45 15.28 -8.85
CA PHE A 769 -13.43 14.40 -9.96
C PHE A 769 -14.72 13.53 -9.93
N TRP A 770 -15.36 13.35 -11.08
CA TRP A 770 -16.58 12.57 -11.11
C TRP A 770 -16.67 11.82 -12.43
N ASP A 771 -16.81 10.50 -12.38
CA ASP A 771 -17.02 9.71 -13.59
C ASP A 771 -18.14 8.68 -13.22
N ASP A 772 -18.32 7.65 -14.03
CA ASP A 772 -19.39 6.65 -13.76
C ASP A 772 -19.08 5.68 -12.61
N GLY A 773 -17.89 5.77 -12.04
CA GLY A 773 -17.57 5.02 -10.80
C GLY A 773 -17.16 3.58 -11.03
N GLU A 774 -17.22 3.10 -12.28
CA GLU A 774 -16.96 1.67 -12.51
C GLU A 774 -16.25 1.30 -13.79
N THR A 775 -16.37 2.11 -14.83
CA THR A 775 -15.76 1.78 -16.12
C THR A 775 -14.24 1.88 -16.05
N LYS A 776 -13.54 0.86 -16.56
CA LYS A 776 -12.11 0.90 -16.54
C LYS A 776 -11.65 1.88 -17.62
N ASP A 777 -10.59 2.64 -17.33
CA ASP A 777 -10.02 3.61 -18.28
C ASP A 777 -10.87 4.84 -18.66
N THR A 778 -11.76 5.25 -17.77
CA THR A 778 -12.44 6.53 -17.94
C THR A 778 -11.38 7.65 -17.93
N VAL A 779 -10.25 7.42 -17.26
CA VAL A 779 -9.22 8.47 -17.19
C VAL A 779 -8.38 8.50 -18.45
N ALA A 780 -7.77 7.36 -18.80
CA ALA A 780 -7.06 7.26 -20.08
C ALA A 780 -7.92 7.70 -21.27
N ASN A 781 -9.22 7.36 -21.27
CA ASN A 781 -10.11 7.72 -22.37
C ASN A 781 -10.77 9.07 -22.23
N LYS A 782 -10.41 9.81 -21.17
CA LYS A 782 -10.97 11.13 -20.85
C LYS A 782 -12.47 11.21 -20.85
N VAL A 783 -13.13 10.25 -20.18
CA VAL A 783 -14.58 10.33 -19.98
C VAL A 783 -14.82 10.59 -18.51
N TYR A 784 -14.65 11.85 -18.12
CA TYR A 784 -14.88 12.28 -16.75
C TYR A 784 -15.14 13.78 -16.64
N LEU A 785 -15.60 14.17 -15.46
CA LEU A 785 -15.74 15.53 -15.06
C LEU A 785 -14.65 15.89 -14.04
N LEU A 786 -14.02 17.04 -14.22
CA LEU A 786 -13.11 17.56 -13.21
C LEU A 786 -13.40 19.03 -13.03
N CYS A 787 -13.77 19.41 -11.82
CA CYS A 787 -13.93 20.82 -11.54
C CYS A 787 -13.13 21.31 -10.34
N GLU A 788 -12.95 22.63 -10.28
CA GLU A 788 -12.15 23.26 -9.27
C GLU A 788 -13.01 24.30 -8.59
N PHE A 789 -12.89 24.38 -7.27
CA PHE A 789 -13.60 25.35 -6.46
C PHE A 789 -12.54 26.29 -5.88
N SER A 790 -12.82 27.59 -5.84
CA SER A 790 -11.95 28.55 -5.19
C SER A 790 -12.75 29.70 -4.63
N VAL A 791 -12.46 30.00 -3.38
CA VAL A 791 -13.07 31.08 -2.66
C VAL A 791 -12.01 32.15 -2.40
N THR A 792 -12.32 33.40 -2.74
CA THR A 792 -11.55 34.59 -2.35
C THR A 792 -12.46 35.78 -2.58
N GLN A 793 -12.88 36.59 -1.59
CA GLN A 793 -13.10 36.31 -0.16
C GLN A 793 -14.56 36.79 0.03
N ASN A 794 -15.20 37.10 -1.09
CA ASN A 794 -16.63 37.32 -1.16
C ASN A 794 -17.17 36.62 -2.39
N ARG A 795 -16.56 35.49 -2.75
CA ARG A 795 -16.80 34.84 -4.04
C ARG A 795 -16.33 33.38 -4.05
N LEU A 796 -17.24 32.48 -4.38
CA LEU A 796 -16.94 31.10 -4.70
C LEU A 796 -17.03 31.02 -6.22
N GLU A 797 -15.97 30.49 -6.85
CA GLU A 797 -16.01 30.20 -8.26
C GLU A 797 -16.01 28.69 -8.43
N VAL A 798 -16.95 28.19 -9.24
CA VAL A 798 -16.98 26.82 -9.67
C VAL A 798 -16.60 26.78 -11.16
N ASN A 799 -15.45 26.18 -11.43
CA ASN A 799 -14.75 26.25 -12.70
C ASN A 799 -14.60 24.83 -13.21
N ILE A 800 -14.89 24.60 -14.49
CA ILE A 800 -14.94 23.26 -15.04
C ILE A 800 -13.71 23.06 -15.90
N SER A 801 -12.92 22.02 -15.63
CA SER A 801 -11.69 21.85 -16.38
C SER A 801 -11.70 20.69 -17.40
N GLN A 802 -12.42 19.62 -17.09
CA GLN A 802 -12.61 18.52 -18.02
C GLN A 802 -14.07 18.21 -17.89
N SER A 803 -14.75 18.00 -19.01
CA SER A 803 -16.19 17.96 -18.96
C SER A 803 -16.76 16.98 -19.97
N THR A 804 -16.33 15.72 -19.90
CA THR A 804 -16.71 14.70 -20.88
C THR A 804 -17.57 13.60 -20.22
N TYR A 805 -18.01 13.83 -18.99
CA TYR A 805 -19.00 12.95 -18.39
C TYR A 805 -20.08 13.77 -17.75
N LYS A 806 -21.31 13.56 -18.21
CA LYS A 806 -22.45 14.14 -17.53
C LYS A 806 -23.30 13.03 -16.92
N ASP A 807 -23.32 13.02 -15.59
CA ASP A 807 -24.03 12.01 -14.85
C ASP A 807 -25.54 12.15 -15.15
N PRO A 808 -26.20 11.06 -15.62
CA PRO A 808 -27.62 11.12 -16.00
C PRO A 808 -28.56 11.26 -14.81
N ASN A 809 -28.02 11.21 -13.59
CA ASN A 809 -28.85 11.34 -12.40
C ASN A 809 -29.12 12.74 -11.97
N ASN A 810 -28.75 13.73 -12.78
CA ASN A 810 -29.21 15.09 -12.52
C ASN A 810 -28.65 15.63 -11.19
N LEU A 811 -27.34 15.46 -10.96
CA LEU A 811 -26.76 15.81 -9.64
C LEU A 811 -26.47 17.29 -9.49
N ALA A 812 -26.57 17.81 -8.26
CA ALA A 812 -26.31 19.21 -8.05
C ALA A 812 -25.88 19.45 -6.62
N PHE A 813 -25.10 20.50 -6.40
CA PHE A 813 -24.82 21.01 -5.06
C PHE A 813 -26.04 21.77 -4.59
N ASN A 814 -26.55 21.41 -3.42
CA ASN A 814 -27.70 22.08 -2.85
C ASN A 814 -27.41 22.65 -1.46
N GLU A 815 -26.17 22.52 -1.02
CA GLU A 815 -25.75 23.11 0.24
C GLU A 815 -24.28 23.43 0.21
N ILE A 816 -23.97 24.63 0.69
CA ILE A 816 -22.61 25.08 0.88
C ILE A 816 -22.44 25.50 2.35
N LYS A 817 -21.51 24.86 3.05
CA LYS A 817 -21.17 25.22 4.42
C LYS A 817 -19.89 26.02 4.35
N ILE A 818 -19.87 27.20 4.99
CA ILE A 818 -18.65 28.03 5.03
C ILE A 818 -18.25 28.19 6.49
N LEU A 819 -17.00 27.83 6.78
CA LEU A 819 -16.45 27.81 8.12
C LEU A 819 -15.43 28.95 8.27
N GLY A 820 -15.42 29.62 9.43
CA GLY A 820 -14.46 30.68 9.73
C GLY A 820 -14.79 31.97 8.99
N THR A 821 -16.09 32.28 8.92
CA THR A 821 -16.56 33.37 8.09
C THR A 821 -17.38 34.34 8.90
N GLU A 822 -17.25 35.63 8.56
CA GLU A 822 -18.18 36.62 9.10
C GLU A 822 -19.49 36.48 8.33
N GLU A 823 -20.57 37.07 8.82
CA GLU A 823 -21.88 36.86 8.22
C GLU A 823 -21.91 37.23 6.74
N PRO A 824 -22.19 36.24 5.85
CA PRO A 824 -22.35 36.60 4.45
C PRO A 824 -23.72 37.23 4.30
N SER A 825 -23.80 38.30 3.54
CA SER A 825 -25.11 38.88 3.28
C SER A 825 -25.33 39.01 1.79
N ASN A 826 -26.60 39.02 1.40
CA ASN A 826 -27.00 39.32 0.03
C ASN A 826 -26.25 38.44 -0.98
N VAL A 827 -26.41 37.12 -0.80
CA VAL A 827 -25.76 36.11 -1.62
C VAL A 827 -26.42 35.99 -2.99
N THR A 828 -25.59 35.98 -4.03
CA THR A 828 -26.05 35.90 -5.41
C THR A 828 -25.41 34.70 -6.06
N VAL A 829 -26.15 34.08 -6.98
CA VAL A 829 -25.65 32.97 -7.77
C VAL A 829 -25.69 33.38 -9.23
N LYS A 830 -24.55 33.31 -9.90
CA LYS A 830 -24.52 33.54 -11.33
C LYS A 830 -24.12 32.26 -12.01
N HIS A 831 -24.76 31.97 -13.15
CA HIS A 831 -24.44 30.83 -13.97
C HIS A 831 -23.91 31.39 -15.27
N ASN A 832 -22.66 31.06 -15.61
CA ASN A 832 -21.92 31.68 -16.74
C ASN A 832 -22.05 33.20 -16.80
N GLY A 833 -21.89 33.85 -15.65
CA GLY A 833 -22.00 35.31 -15.57
C GLY A 833 -23.41 35.86 -15.53
N VAL A 834 -24.38 35.03 -15.92
CA VAL A 834 -25.80 35.41 -15.93
C VAL A 834 -26.44 35.15 -14.55
N PRO A 835 -26.88 36.22 -13.85
CA PRO A 835 -27.71 36.00 -12.67
C PRO A 835 -29.10 35.53 -13.14
N SER A 836 -29.78 34.62 -12.42
CA SER A 836 -29.37 34.00 -11.16
C SER A 836 -30.41 32.95 -10.87
N THR A 838 -34.00 33.10 -8.44
CA THR A 838 -33.24 32.36 -7.42
C THR A 838 -32.44 33.30 -6.50
N SER A 839 -32.78 33.25 -5.21
CA SER A 839 -32.05 33.89 -4.13
C SER A 839 -31.95 32.84 -3.01
N PRO A 840 -30.73 32.42 -2.62
CA PRO A 840 -30.66 31.30 -1.69
C PRO A 840 -30.90 31.67 -0.23
N THR A 841 -31.20 30.67 0.59
CA THR A 841 -31.33 30.83 2.04
C THR A 841 -29.98 30.75 2.72
N VAL A 842 -29.75 31.65 3.67
CA VAL A 842 -28.51 31.65 4.41
C VAL A 842 -28.82 31.61 5.89
N THR A 843 -28.25 30.62 6.57
CA THR A 843 -28.32 30.52 8.01
C THR A 843 -26.93 30.86 8.53
N TYR A 844 -26.87 31.72 9.55
CA TYR A 844 -25.58 32.10 10.12
C TYR A 844 -25.56 31.86 11.60
N ASP A 845 -24.53 31.13 12.05
CA ASP A 845 -24.20 30.99 13.46
C ASP A 845 -23.06 31.98 13.80
N SER A 846 -23.40 33.07 14.47
CA SER A 846 -22.43 34.13 14.84
C SER A 846 -21.38 33.70 15.86
N ASN A 847 -21.73 32.74 16.71
CA ASN A 847 -20.81 32.26 17.72
C ASN A 847 -19.75 31.30 17.13
N LEU A 848 -20.17 30.37 16.28
CA LEU A 848 -19.26 29.41 15.66
C LEU A 848 -18.61 29.97 14.39
N LYS A 849 -19.14 31.07 13.88
CA LYS A 849 -18.71 31.70 12.63
C LYS A 849 -18.92 30.78 11.40
N VAL A 850 -20.06 30.10 11.36
CA VAL A 850 -20.43 29.16 10.27
C VAL A 850 -21.63 29.67 9.49
N ALA A 851 -21.52 29.72 8.16
CA ALA A 851 -22.65 30.02 7.29
C ALA A 851 -23.02 28.79 6.54
N ILE A 852 -24.32 28.53 6.45
CA ILE A 852 -24.82 27.46 5.58
C ILE A 852 -25.72 28.07 4.51
N ILE A 853 -25.36 27.87 3.26
CA ILE A 853 -26.16 28.30 2.13
C ILE A 853 -26.98 27.12 1.62
N THR A 854 -28.28 27.33 1.52
CA THR A 854 -29.22 26.27 1.24
C THR A 854 -30.26 26.86 0.26
N ASP A 855 -31.21 26.05 -0.22
CA ASP A 855 -32.15 26.46 -1.30
C ASP A 855 -31.38 26.97 -2.51
N ILE A 856 -30.37 26.18 -2.89
CA ILE A 856 -29.49 26.51 -3.99
C ILE A 856 -29.40 25.24 -4.86
N ASP A 857 -29.03 25.39 -6.12
CA ASP A 857 -29.08 24.25 -7.03
C ASP A 857 -28.00 24.30 -8.13
N LEU A 858 -26.74 24.19 -7.70
CA LEU A 858 -25.62 24.26 -8.64
C LEU A 858 -25.39 22.94 -9.35
N LEU A 859 -25.83 22.87 -10.60
CA LEU A 859 -25.71 21.66 -11.37
C LEU A 859 -24.26 21.22 -11.50
N LEU A 860 -24.03 19.93 -11.29
CA LEU A 860 -22.74 19.32 -11.49
C LEU A 860 -22.26 19.40 -12.94
N GLY A 861 -21.06 19.93 -13.14
CA GLY A 861 -20.53 20.07 -14.49
C GLY A 861 -20.79 21.43 -15.11
N GLU A 862 -21.41 22.34 -14.35
CA GLU A 862 -21.67 23.72 -14.80
C GLU A 862 -20.87 24.77 -14.00
N ALA A 863 -20.49 25.86 -14.65
CA ALA A 863 -19.73 26.92 -13.98
C ALA A 863 -20.65 27.90 -13.29
N TYR A 864 -20.30 28.23 -12.05
CA TYR A 864 -21.06 29.19 -11.24
C TYR A 864 -20.12 30.12 -10.50
N THR A 865 -20.66 31.29 -10.17
CA THR A 865 -20.05 32.20 -9.25
C THR A 865 -21.07 32.43 -8.15
N VAL A 866 -20.63 32.35 -6.91
CA VAL A 866 -21.48 32.64 -5.76
C VAL A 866 -20.79 33.77 -5.03
N GLU A 867 -21.47 34.90 -4.93
CA GLU A 867 -20.93 36.10 -4.30
C GLU A 867 -21.76 36.54 -3.13
N TRP A 868 -21.10 37.14 -2.15
CA TRP A 868 -21.74 37.71 -0.97
C TRP A 868 -20.97 38.95 -0.53
N ALA A 869 -21.51 39.69 0.42
CA ALA A 869 -20.79 40.78 1.05
C ALA A 869 -20.75 40.53 2.56
N HIS A 870 -20.07 41.42 3.31
CA HIS A 870 -20.03 41.35 4.77
C HIS A 870 -20.54 42.63 5.45
C1 NAG B . -31.49 5.41 0.18
C2 NAG B . -32.52 6.48 -0.20
C3 NAG B . -33.95 5.91 -0.18
C4 NAG B . -34.18 4.52 -0.83
C5 NAG B . -32.90 3.65 -0.63
C6 NAG B . -32.84 2.41 -1.52
C7 NAG B . -31.55 8.58 0.74
C8 NAG B . -31.26 9.26 2.05
N2 NAG B . -32.50 7.63 0.69
O3 NAG B . -34.75 6.94 -0.72
O4 NAG B . -35.07 3.85 0.00
O5 NAG B . -31.68 4.38 -0.77
O6 NAG B . -32.28 1.33 -0.77
O7 NAG B . -30.91 8.88 -0.24
C1 NAG B . -35.58 4.32 -1.37
C2 NAG B . -36.88 3.49 -1.10
C3 NAG B . -37.74 3.35 -2.37
C4 NAG B . -38.35 4.73 -2.52
C5 NAG B . -37.25 5.80 -2.66
C6 NAG B . -37.73 7.06 -1.95
C7 NAG B . -36.57 1.04 -0.68
C8 NAG B . -36.69 0.01 0.43
N2 NAG B . -36.67 2.29 -0.28
O3 NAG B . -38.78 2.40 -2.24
O4 NAG B . -39.23 4.82 -3.62
O5 NAG B . -35.90 5.43 -2.26
O6 NAG B . -37.39 8.18 -2.74
O7 NAG B . -36.41 0.71 -1.86
C1 NAG C . 6.20 -27.98 -16.57
C2 NAG C . 6.79 -27.02 -17.62
C3 NAG C . 6.05 -27.05 -18.97
C4 NAG C . 5.81 -28.47 -19.48
C5 NAG C . 5.28 -29.32 -18.32
C6 NAG C . 5.11 -30.78 -18.73
C7 NAG C . 8.02 -25.10 -16.78
C8 NAG C . 7.92 -23.78 -16.09
N2 NAG C . 6.85 -25.68 -17.11
O3 NAG C . 6.81 -26.30 -19.91
O4 NAG C . 4.81 -28.55 -20.50
O5 NAG C . 6.16 -29.24 -17.21
O6 NAG C . 4.58 -31.55 -17.66
O7 NAG C . 9.13 -25.60 -17.00
C1 NAG C . 5.21 -28.16 -21.84
C2 NAG C . 5.22 -29.35 -22.83
C3 NAG C . 5.47 -28.85 -24.26
C4 NAG C . 4.53 -27.70 -24.64
C5 NAG C . 4.75 -26.62 -23.58
C6 NAG C . 4.03 -25.30 -23.85
C7 NAG C . 5.98 -31.58 -22.05
C8 NAG C . 7.19 -32.41 -21.73
N2 NAG C . 6.24 -30.32 -22.46
O3 NAG C . 5.34 -29.90 -25.19
O4 NAG C . 4.81 -27.28 -25.96
O5 NAG C . 4.33 -27.15 -22.34
O6 NAG C . 2.64 -25.53 -23.78
O7 NAG C . 4.85 -32.06 -21.93
OAA MIG D . -4.54 -19.84 6.38
OAB MIG D . -8.96 -18.20 4.20
OAC MIG D . -5.11 -14.02 5.83
OAD MIG D . -7.99 -13.33 6.07
OAE MIG D . -9.66 -15.42 6.69
CAF MIG D . -5.86 -19.33 6.54
CAG MIG D . -8.97 -18.18 5.65
CAH MIG D . -6.23 -18.67 5.21
CAI MIG D . -5.65 -16.38 5.81
CAJ MIG D . -6.15 -14.93 5.54
CAK MIG D . -7.44 -14.65 6.32
CAL MIG D . -8.50 -15.70 5.92
CAM MIG D . -7.98 -17.13 6.14
NAN MIG D . -6.70 -17.28 5.36
C1 NAG E . 6.70 -13.40 18.84
C2 NAG E . 5.62 -12.72 19.70
C3 NAG E . 5.11 -13.64 20.82
C4 NAG E . 4.73 -15.03 20.29
C5 NAG E . 5.94 -15.57 19.52
C6 NAG E . 5.69 -16.93 18.87
C7 NAG E . 5.65 -10.28 20.09
C8 NAG E . 6.47 -9.18 20.70
N2 NAG E . 6.17 -11.51 20.26
O3 NAG E . 3.99 -13.04 21.44
O4 NAG E . 4.37 -15.92 21.34
O5 NAG E . 6.25 -14.68 18.46
O6 NAG E . 6.85 -17.22 18.11
O7 NAG E . 4.59 -10.04 19.50
C1 NAG F . -9.50 -37.99 -3.07
C2 NAG F . -9.06 -38.58 -1.73
C3 NAG F . -9.95 -39.76 -1.31
C4 NAG F . -11.44 -39.42 -1.43
C5 NAG F . -11.72 -38.85 -2.84
C6 NAG F . -13.19 -38.49 -3.13
C7 NAG F . -6.72 -38.46 -1.06
C8 NAG F . -5.31 -38.58 -1.57
N2 NAG F . -7.67 -38.99 -1.83
O3 NAG F . -9.68 -40.16 0.01
O4 NAG F . -12.19 -40.59 -1.14
O5 NAG F . -10.90 -37.70 -3.04
O6 NAG F . -13.81 -37.90 -2.00
O7 NAG F . -6.95 -37.91 0.03
C1 GOL G . -8.37 -3.13 -6.71
O1 GOL G . -9.05 -3.65 -7.84
C2 GOL G . -8.28 -1.60 -6.74
O2 GOL G . -9.45 -1.13 -6.12
C3 GOL G . -7.09 -1.04 -5.96
O3 GOL G . -7.11 0.39 -5.96
C1 GOL H . 11.33 3.08 -17.14
O1 GOL H . 10.06 2.46 -17.11
C2 GOL H . 11.70 3.43 -18.57
O2 GOL H . 10.74 4.31 -19.13
C3 GOL H . 13.04 4.13 -18.60
O3 GOL H . 12.82 5.48 -18.26
C1 GOL I . -23.71 -16.13 12.26
O1 GOL I . -22.36 -16.52 12.00
C2 GOL I . -24.10 -16.23 13.72
O2 GOL I . -23.09 -15.66 14.54
C3 GOL I . -25.41 -15.49 13.94
O3 GOL I . -25.30 -14.64 15.08
C1 GOL J . 31.60 10.44 -12.25
O1 GOL J . 32.55 11.11 -11.45
C2 GOL J . 31.34 11.17 -13.54
O2 GOL J . 31.07 10.23 -14.55
C3 GOL J . 30.10 12.05 -13.41
O3 GOL J . 29.22 11.70 -14.44
#